data_8QQM
#
_entry.id   8QQM
#
loop_
_entity.id
_entity.type
_entity.pdbx_description
1 polymer 'Acetylcholine receptor subunit alpha'
2 polymer 'Acetylcholine receptor subunit delta'
3 polymer 'Acetylcholine receptor subunit beta'
4 polymer 'Acetylcholine receptor subunit gamma'
#
loop_
_entity_poly.entity_id
_entity_poly.type
_entity_poly.pdbx_seq_one_letter_code
_entity_poly.pdbx_strand_id
1 'polypeptide(L)'
;SEHETRLVANLLENYNKVIRPVEHHTHFVDITVGLQLIQLISVDEVNQIVETNVRLRQQWIDVRLRWNPADYGGIKKIRL
PSDDVWLPDLVLYNNADGDFAIVHMTKLLLDYTGKIMWTPPAIFKSYCEIIVTHFPFDQQNCTMKLGIWTYDGTKVSISP
ESDRPDLSTFMESGEWVMKDYRGWKHWVYYTCCPDTPYLDITYHFIMQRIPLYFVVNVIIPCLLFSFLTGLVFYLPTDSG
EKMTLSISVLLSLTVFLLVIVELIPSTSSAVPLIGKYMLFTMIFVISSIIITVVVINTHHRSPSTHTMPQWVRKIFIDTI
PNVMFFSTMKRASKEKQENKIFADDIDISDISGKQVTGEVIFQTPLIKNPDVKSAIEGVKYIAEHMKSDEESSNAAEEWK
YVAMVIDHILLCVFMLICIIGTVSVFAGRLIELSQEG
;
A,D
2 'polypeptide(L)'
;VNEEERLINDLLIVNKYNKHVRPVKHNNEVVNIALSLTLSNLISLKETDETLTSNVWMDHAWYDHRLTWNASEYSDISIL
RLPPELVWIPDIVLQNNNDGQYHVAYFCNVLVRPNGYVTWLPPAIFRSSCPINVLYFPFDWQNCSLKFTALNYDANEITM
DLMTDTIDGKDYPIEWIIIDPEAFTENGEWEIIHKPAKKNIYPDKFPNGTNYQDVTFYLIIRRKPLFYVINFITPCVLIS
FLASLAFYLPAESGEKMSTAISVLLAQAVFLLLTSQRLPETALAVPLIGKYLMFIMSLVTGVIVNCGIVLNFHFRTPSTH
VLSTRVKQIFLEKLPRILHMSRADESEQPDWQNDLKLRRSSSVGYISKAQEYFNIKSRSELMFEKQSERHGLVPRVTPRI
GFGNNNENIAASDQLHDEIKSGIDSTNYIVKQIKEKNAYDEEVGNWNLVGQTIDRLSMFIITPVMVLGTIFIFVMGNFNH
PPAKPFEGDPFDYSSDHPRCA
;
B
3 'polypeptide(L)'
;SVMEDTLLSVLFETYNPKVRPAQTVGDKVTVRVGLTLTNLLILNEKIEEMTTNVFLNLAWTDYRLQWDPAAYEGIKDLRI
PSSDVWQPDIVLMNNNDGSFEITLHVNVLVQHTGAVSWQPSAIYRSSCTIKVMYFPFDWQNCTMVFKSYTYDTSEVTLQH
ALDAKGEREVKEIVINKDAFTENGQWSIEHKPSRKNWRSDDPSYEDVTFYLIIQRKPLFYIVYTIIPCILISILAILVFY
LPPDAGEKMSLSISALLAVTVFLLLLADKVPETSLSVPIIIRYLMFIMILVAFSVILSVVVLNLHHRSPNTHTMPNWIRQ
IFIETLPPFLWIQRPVTTPSPDSKPTIISRANDEYFIRKPAGDFVCPVDNARVAVQPERLFSEMKWHLNGLTQPVTLPQD
LKEAVEAIKYIAEQLESASEFDDLKKDWQYVAMVADRLFLYVFFVICSIGTFSIFLDASHNVPPDNPFA
;
C
4 'polypeptide(L)'
;ENEEGRLIEKLLGDYDKRIIPAKTLDHIIDVTLKLTLTNLISLNEKEEALTTNVWIEIQWNDYRLSWNTSEYEGIDLVRI
PSELLWLPDVVLENNVDGQFEVAYYANVLVYNDGSMYWLPPAIYRSTCPIAVTYFPFDWQNCSLVFRSQTYNAHEVNLQL
SAEEGEAVEWIHIDPEDFTENGEWTIRHRPAKKNYNWQLTKDDTDFQEIIFFLIIQRKPLFYIINIIAPCVLISSLVVLV
YFLPAQAGGQKCTLSISVLLAQTIFLFLIAQKVPETSLNVPLIGKYLIFVMFVSMLIVMNCVIVLNVSLRTPNTHSLSEK
IKHLFLGFLPKYLGMQLEPSEETPEKPQPRRRSSFGIMIKAEEYILKKPRSELMFEEQKDRHGLKRVNKMTSDIDIGTTV
DLYKDLANFAPEIKSCVEACNFIAKSTKEQNDSGSENENWVLIGKVIDKACFWIALLLFSIGTLAIFLTGHFNQVPEFPF
PGDPRKYVP
;
E
#
# COMPACT_ATOMS: atom_id res chain seq x y z
N LEU A 212 2.31 -39.90 1.72
CA LEU A 212 3.22 -39.14 2.53
C LEU A 212 4.04 -38.13 1.71
N TYR A 213 4.71 -38.50 0.66
CA TYR A 213 5.42 -37.58 -0.19
C TYR A 213 4.43 -36.58 -0.77
N PHE A 214 3.32 -36.96 -1.30
CA PHE A 214 2.41 -36.00 -1.87
C PHE A 214 1.82 -35.09 -0.82
N VAL A 215 1.54 -35.62 0.43
CA VAL A 215 0.97 -34.81 1.48
C VAL A 215 1.94 -33.67 1.78
N VAL A 216 3.12 -33.95 2.21
CA VAL A 216 4.04 -32.89 2.59
C VAL A 216 4.44 -31.92 1.44
N ASN A 217 4.41 -32.53 0.24
CA ASN A 217 4.92 -31.68 -0.85
C ASN A 217 3.84 -30.87 -1.45
N VAL A 218 2.59 -31.16 -1.29
CA VAL A 218 1.54 -30.48 -2.03
C VAL A 218 0.50 -29.93 -1.05
N ILE A 219 -0.08 -30.82 -0.17
CA ILE A 219 -1.26 -30.47 0.55
C ILE A 219 -0.88 -29.46 1.65
N ILE A 220 0.25 -29.54 2.32
CA ILE A 220 0.59 -28.63 3.38
C ILE A 220 0.68 -27.22 2.91
N PRO A 221 1.38 -26.86 1.89
CA PRO A 221 1.33 -25.52 1.40
C PRO A 221 -0.04 -25.03 1.01
N CYS A 222 -0.82 -25.88 0.46
CA CYS A 222 -2.13 -25.49 0.10
C CYS A 222 -2.98 -25.19 1.32
N LEU A 223 -2.78 -25.93 2.38
CA LEU A 223 -3.45 -25.70 3.71
C LEU A 223 -3.06 -24.36 4.23
N LEU A 224 -1.85 -23.96 4.20
CA LEU A 224 -1.46 -22.64 4.64
C LEU A 224 -2.15 -21.55 3.91
N PHE A 225 -2.18 -21.67 2.60
CA PHE A 225 -2.79 -20.66 1.85
C PHE A 225 -4.35 -20.58 2.10
N SER A 226 -4.96 -21.69 2.22
CA SER A 226 -6.33 -21.72 2.51
C SER A 226 -6.64 -21.11 3.81
N PHE A 227 -5.91 -21.35 4.84
CA PHE A 227 -6.08 -20.76 6.12
C PHE A 227 -5.92 -19.26 6.07
N LEU A 228 -4.94 -18.75 5.31
CA LEU A 228 -4.70 -17.34 5.26
C LEU A 228 -5.81 -16.65 4.60
N THR A 229 -6.43 -17.32 3.67
CA THR A 229 -7.48 -16.66 2.92
C THR A 229 -8.50 -15.98 3.73
N GLY A 230 -9.15 -16.72 4.64
CA GLY A 230 -10.21 -16.23 5.50
C GLY A 230 -9.75 -15.30 6.54
N LEU A 231 -8.46 -15.13 6.75
CA LEU A 231 -7.96 -14.28 7.87
C LEU A 231 -8.27 -12.84 7.65
N VAL A 232 -8.43 -12.37 6.42
CA VAL A 232 -8.71 -10.99 6.07
C VAL A 232 -10.00 -10.53 6.71
N PHE A 233 -10.92 -11.41 6.93
CA PHE A 233 -12.24 -10.96 7.38
C PHE A 233 -12.26 -10.63 8.89
N TYR A 234 -11.31 -11.04 9.65
CA TYR A 234 -11.15 -10.59 11.00
C TYR A 234 -10.34 -9.30 11.13
N LEU A 235 -9.73 -8.84 10.02
CA LEU A 235 -8.93 -7.63 10.01
C LEU A 235 -9.94 -6.45 9.87
N PRO A 236 -9.76 -5.44 10.77
CA PRO A 236 -10.68 -4.34 10.68
C PRO A 236 -10.50 -3.47 9.48
N THR A 237 -11.57 -2.81 9.06
CA THR A 237 -11.50 -1.89 7.91
C THR A 237 -10.73 -0.65 8.20
N ASP A 238 -10.57 -0.29 9.40
CA ASP A 238 -9.80 0.94 9.81
C ASP A 238 -8.38 0.88 9.27
N SER A 239 -7.75 -0.27 9.39
CA SER A 239 -6.44 -0.50 8.81
C SER A 239 -6.65 -0.68 7.26
N GLY A 240 -6.12 0.31 6.50
CA GLY A 240 -6.27 0.23 5.09
C GLY A 240 -5.57 -0.90 4.36
N GLU A 241 -5.82 -2.09 4.81
CA GLU A 241 -4.99 -3.15 4.27
C GLU A 241 -5.85 -4.45 4.07
N LYS A 242 -7.14 -4.29 3.99
CA LYS A 242 -7.99 -5.45 3.68
C LYS A 242 -7.77 -5.85 2.20
N MET A 243 -7.73 -4.96 1.29
CA MET A 243 -7.54 -5.33 -0.07
C MET A 243 -6.03 -5.79 -0.25
N THR A 244 -5.13 -5.12 0.41
CA THR A 244 -3.77 -5.60 0.36
C THR A 244 -3.63 -7.04 0.71
N LEU A 245 -4.20 -7.38 1.81
CA LEU A 245 -3.99 -8.73 2.26
C LEU A 245 -4.73 -9.74 1.38
N SER A 246 -6.01 -9.47 1.02
CA SER A 246 -6.72 -10.48 0.30
C SER A 246 -6.17 -10.61 -1.09
N ILE A 247 -5.74 -9.51 -1.77
CA ILE A 247 -5.30 -9.65 -3.09
C ILE A 247 -3.90 -10.36 -3.08
N SER A 248 -3.12 -10.14 -2.05
CA SER A 248 -1.90 -10.84 -2.03
C SER A 248 -2.06 -12.31 -1.79
N VAL A 249 -3.01 -12.74 -1.05
CA VAL A 249 -3.35 -14.13 -0.91
C VAL A 249 -3.81 -14.68 -2.20
N LEU A 250 -4.65 -14.00 -2.95
CA LEU A 250 -5.03 -14.47 -4.26
C LEU A 250 -3.87 -14.66 -5.18
N LEU A 251 -2.96 -13.75 -5.18
CA LEU A 251 -1.79 -13.86 -6.06
C LEU A 251 -0.95 -15.03 -5.67
N SER A 252 -0.81 -15.29 -4.42
CA SER A 252 -0.06 -16.46 -3.93
C SER A 252 -0.70 -17.71 -4.44
N LEU A 253 -2.04 -17.83 -4.39
CA LEU A 253 -2.67 -18.99 -4.93
C LEU A 253 -2.46 -19.13 -6.40
N THR A 254 -2.58 -18.11 -7.23
CA THR A 254 -2.32 -18.14 -8.62
C THR A 254 -0.90 -18.53 -8.90
N VAL A 255 0.07 -18.16 -8.17
CA VAL A 255 1.44 -18.51 -8.32
C VAL A 255 1.51 -20.03 -8.03
N PHE A 256 0.84 -20.48 -7.01
CA PHE A 256 0.82 -21.93 -6.66
C PHE A 256 0.34 -22.71 -7.80
N LEU A 257 -0.54 -22.24 -8.61
CA LEU A 257 -0.96 -22.99 -9.76
C LEU A 257 0.22 -23.39 -10.58
N LEU A 258 1.33 -22.64 -10.56
CA LEU A 258 2.57 -23.07 -11.26
C LEU A 258 3.07 -24.34 -10.71
N VAL A 259 3.15 -24.45 -9.35
CA VAL A 259 3.63 -25.56 -8.60
C VAL A 259 2.80 -26.82 -9.04
N ILE A 260 1.50 -26.70 -8.99
CA ILE A 260 0.69 -27.86 -9.47
C ILE A 260 1.07 -28.30 -10.81
N VAL A 261 0.99 -27.33 -11.72
CA VAL A 261 1.34 -27.62 -13.15
C VAL A 261 2.73 -28.25 -13.33
N GLU A 262 3.73 -27.71 -12.56
CA GLU A 262 5.09 -28.36 -12.60
C GLU A 262 5.28 -29.63 -11.89
N LEU A 263 4.34 -30.05 -11.00
CA LEU A 263 4.48 -31.28 -10.18
C LEU A 263 3.64 -32.42 -10.60
N ILE A 264 2.38 -32.20 -10.78
CA ILE A 264 1.41 -33.28 -11.12
C ILE A 264 1.61 -33.68 -12.62
N PRO A 265 1.14 -34.88 -13.04
CA PRO A 265 1.23 -35.32 -14.37
C PRO A 265 0.41 -34.48 -15.31
N SER A 266 0.90 -34.41 -16.57
CA SER A 266 0.38 -33.60 -17.61
C SER A 266 -0.42 -34.49 -18.63
N THR A 267 -1.31 -35.40 -18.09
CA THR A 267 -2.27 -36.09 -18.93
C THR A 267 -3.55 -35.27 -19.19
N SER A 268 -4.19 -35.38 -20.30
CA SER A 268 -5.40 -34.75 -20.65
C SER A 268 -6.69 -35.56 -20.66
N SER A 269 -6.47 -36.85 -20.22
CA SER A 269 -7.67 -37.72 -20.28
C SER A 269 -8.77 -37.25 -19.31
N ALA A 270 -8.36 -36.93 -18.04
CA ALA A 270 -9.35 -36.52 -17.10
C ALA A 270 -8.61 -35.54 -16.13
N VAL A 271 -9.53 -34.91 -15.32
CA VAL A 271 -9.07 -33.93 -14.38
C VAL A 271 -8.66 -34.64 -13.11
N PRO A 272 -7.47 -34.33 -12.61
CA PRO A 272 -7.03 -35.00 -11.32
C PRO A 272 -7.79 -34.43 -10.15
N LEU A 273 -7.72 -35.21 -9.10
CA LEU A 273 -8.37 -34.87 -7.79
C LEU A 273 -7.87 -33.51 -7.35
N ILE A 274 -6.61 -33.25 -7.33
CA ILE A 274 -6.01 -31.99 -6.86
C ILE A 274 -6.36 -30.93 -7.85
N GLY A 275 -6.61 -31.14 -9.16
CA GLY A 275 -7.25 -30.22 -10.06
C GLY A 275 -8.62 -29.74 -9.67
N LYS A 276 -9.39 -30.69 -9.29
CA LYS A 276 -10.70 -30.23 -8.80
C LYS A 276 -10.54 -29.45 -7.52
N TYR A 277 -9.70 -29.87 -6.64
CA TYR A 277 -9.56 -29.16 -5.37
C TYR A 277 -9.04 -27.75 -5.60
N MET A 278 -8.18 -27.53 -6.57
CA MET A 278 -7.59 -26.22 -6.77
C MET A 278 -8.66 -25.34 -7.45
N LEU A 279 -9.44 -25.89 -8.32
CA LEU A 279 -10.55 -25.08 -8.79
C LEU A 279 -11.51 -24.62 -7.71
N PHE A 280 -11.79 -25.51 -6.74
CA PHE A 280 -12.57 -25.13 -5.64
C PHE A 280 -11.94 -24.01 -4.89
N THR A 281 -10.63 -24.12 -4.63
CA THR A 281 -9.93 -23.12 -3.85
C THR A 281 -9.94 -21.75 -4.62
N MET A 282 -9.80 -21.73 -5.93
CA MET A 282 -9.88 -20.52 -6.72
C MET A 282 -11.17 -19.82 -6.48
N ILE A 283 -12.25 -20.51 -6.65
CA ILE A 283 -13.53 -19.89 -6.50
C ILE A 283 -13.76 -19.41 -5.04
N PHE A 284 -13.28 -20.14 -4.09
CA PHE A 284 -13.39 -19.81 -2.73
C PHE A 284 -12.69 -18.43 -2.45
N VAL A 285 -11.47 -18.30 -2.85
CA VAL A 285 -10.74 -17.12 -2.65
C VAL A 285 -11.39 -15.93 -3.30
N ILE A 286 -11.89 -16.11 -4.55
CA ILE A 286 -12.44 -15.02 -5.26
C ILE A 286 -13.79 -14.56 -4.59
N SER A 287 -14.60 -15.42 -4.04
CA SER A 287 -15.71 -15.00 -3.29
C SER A 287 -15.31 -14.18 -2.03
N SER A 288 -14.33 -14.66 -1.34
CA SER A 288 -14.01 -13.90 -0.16
C SER A 288 -13.60 -12.51 -0.59
N ILE A 289 -12.86 -12.43 -1.66
CA ILE A 289 -12.29 -11.04 -1.93
C ILE A 289 -13.39 -10.15 -2.38
N ILE A 290 -14.35 -10.67 -3.13
CA ILE A 290 -15.49 -9.83 -3.63
C ILE A 290 -16.24 -9.28 -2.43
N ILE A 291 -16.52 -10.08 -1.47
CA ILE A 291 -17.28 -9.55 -0.29
C ILE A 291 -16.45 -8.58 0.47
N THR A 292 -15.18 -8.67 0.54
CA THR A 292 -14.43 -7.69 1.22
C THR A 292 -14.51 -6.35 0.57
N VAL A 293 -14.49 -6.41 -0.73
CA VAL A 293 -14.59 -5.12 -1.50
C VAL A 293 -15.92 -4.55 -1.24
N VAL A 294 -16.96 -5.29 -1.31
CA VAL A 294 -18.34 -4.84 -1.06
C VAL A 294 -18.41 -4.13 0.24
N VAL A 295 -17.82 -4.69 1.33
CA VAL A 295 -17.98 -4.04 2.56
C VAL A 295 -17.23 -2.77 2.66
N ILE A 296 -16.19 -2.62 1.95
CA ILE A 296 -15.45 -1.37 2.06
C ILE A 296 -16.22 -0.37 1.29
N ASN A 297 -16.81 -0.66 0.16
CA ASN A 297 -17.64 0.23 -0.54
C ASN A 297 -18.83 0.73 0.26
N THR A 298 -19.44 -0.16 0.93
CA THR A 298 -20.61 0.22 1.78
C THR A 298 -20.14 1.13 2.92
N HIS A 299 -19.04 0.90 3.56
CA HIS A 299 -18.61 1.67 4.68
C HIS A 299 -18.39 3.15 4.32
N HIS A 300 -17.91 3.44 3.11
CA HIS A 300 -17.66 4.79 2.72
C HIS A 300 -18.82 5.49 1.95
N ARG A 301 -19.94 4.83 1.82
CA ARG A 301 -21.05 5.46 1.14
C ARG A 301 -21.38 6.74 1.76
N SER A 302 -21.74 7.77 1.05
CA SER A 302 -22.00 9.09 1.56
C SER A 302 -23.48 9.32 1.61
N PRO A 303 -23.99 9.93 2.74
CA PRO A 303 -25.46 10.20 2.84
C PRO A 303 -25.94 11.06 1.74
N SER A 304 -25.15 11.97 1.17
CA SER A 304 -25.63 12.94 0.27
C SER A 304 -26.12 12.25 -1.01
N THR A 305 -25.38 11.23 -1.45
CA THR A 305 -25.74 10.51 -2.64
C THR A 305 -26.61 9.31 -2.43
N HIS A 306 -26.39 8.54 -1.41
CA HIS A 306 -26.94 7.21 -1.16
C HIS A 306 -27.77 7.31 0.09
N THR A 307 -29.08 7.00 -0.03
CA THR A 307 -29.91 6.97 1.21
C THR A 307 -30.23 5.50 1.45
N MET A 308 -30.13 5.13 2.69
CA MET A 308 -30.25 3.71 3.01
C MET A 308 -31.71 3.23 2.66
N PRO A 309 -31.89 2.21 1.86
CA PRO A 309 -33.26 1.70 1.66
C PRO A 309 -33.83 1.15 2.96
N GLN A 310 -35.13 1.19 3.08
CA GLN A 310 -35.78 0.81 4.36
C GLN A 310 -35.50 -0.68 4.65
N TRP A 311 -35.57 -1.54 3.64
CA TRP A 311 -35.38 -2.98 3.88
C TRP A 311 -33.97 -3.26 4.35
N VAL A 312 -32.97 -2.51 3.82
CA VAL A 312 -31.60 -2.71 4.26
C VAL A 312 -31.49 -2.41 5.76
N ARG A 313 -32.07 -1.28 6.17
CA ARG A 313 -32.05 -0.93 7.57
C ARG A 313 -32.81 -1.98 8.43
N LYS A 314 -33.93 -2.44 7.95
CA LYS A 314 -34.68 -3.39 8.72
C LYS A 314 -33.90 -4.69 8.92
N ILE A 315 -33.22 -5.17 7.88
CA ILE A 315 -32.57 -6.46 7.95
C ILE A 315 -31.22 -6.36 8.64
N PHE A 316 -30.34 -5.59 8.09
CA PHE A 316 -28.91 -5.61 8.48
C PHE A 316 -28.59 -4.80 9.70
N ILE A 317 -29.48 -3.89 10.12
CA ILE A 317 -29.23 -3.05 11.27
C ILE A 317 -30.07 -3.48 12.48
N ASP A 318 -31.21 -4.06 12.21
CA ASP A 318 -32.17 -4.43 13.33
C ASP A 318 -32.31 -5.93 13.51
N THR A 319 -32.50 -6.69 12.40
CA THR A 319 -32.79 -8.10 12.53
C THR A 319 -31.57 -8.93 12.79
N ILE A 320 -30.66 -9.02 11.79
CA ILE A 320 -29.56 -9.96 11.87
C ILE A 320 -28.60 -9.75 13.00
N PRO A 321 -28.19 -8.51 13.43
CA PRO A 321 -27.31 -8.36 14.53
C PRO A 321 -27.80 -9.01 15.78
N ASN A 322 -29.10 -9.15 16.01
CA ASN A 322 -29.69 -9.76 17.23
C ASN A 322 -29.42 -11.22 17.27
N VAL A 323 -29.37 -11.89 16.11
CA VAL A 323 -29.34 -13.37 16.02
C VAL A 323 -27.91 -13.85 15.84
N MET A 324 -26.92 -12.95 16.14
CA MET A 324 -25.51 -13.34 16.04
C MET A 324 -25.05 -13.49 17.51
N PHE A 325 -25.22 -14.66 18.03
CA PHE A 325 -24.97 -14.92 19.47
C PHE A 325 -23.48 -14.99 19.80
N PHE A 326 -22.75 -15.68 18.97
CA PHE A 326 -21.29 -15.88 19.17
C PHE A 326 -20.60 -14.53 19.17
N SER A 327 -20.87 -13.60 18.29
CA SER A 327 -20.15 -12.38 18.30
C SER A 327 -20.38 -11.52 19.59
N THR A 328 -19.35 -10.72 19.87
CA THR A 328 -19.43 -9.71 20.98
C THR A 328 -19.60 -8.32 20.39
N MET A 329 -19.93 -8.16 19.16
CA MET A 329 -20.13 -6.85 18.56
C MET A 329 -21.34 -6.21 19.23
N LYS A 330 -21.29 -4.91 19.64
CA LYS A 330 -22.45 -4.20 19.99
C LYS A 330 -23.56 -4.15 18.89
N ARG A 331 -24.78 -4.01 19.43
CA ARG A 331 -26.03 -4.03 18.60
C ARG A 331 -26.80 -2.72 18.77
N PRO A 370 -21.67 47.55 18.40
CA PRO A 370 -20.22 47.36 18.71
C PRO A 370 -19.78 45.95 18.34
N ASP A 371 -18.59 45.57 18.88
CA ASP A 371 -18.00 44.23 18.68
C ASP A 371 -18.64 43.15 19.46
N VAL A 372 -19.42 43.47 20.55
CA VAL A 372 -20.07 42.52 21.37
C VAL A 372 -21.05 41.73 20.52
N LYS A 373 -21.80 42.39 19.67
CA LYS A 373 -22.75 41.70 18.74
C LYS A 373 -22.03 40.77 17.79
N SER A 374 -20.86 41.20 17.26
CA SER A 374 -20.10 40.32 16.39
C SER A 374 -19.60 39.10 17.17
N ALA A 375 -19.15 39.29 18.39
CA ALA A 375 -18.72 38.14 19.26
C ALA A 375 -19.87 37.20 19.53
N ILE A 376 -21.03 37.70 19.90
CA ILE A 376 -22.11 36.81 20.15
C ILE A 376 -22.54 36.03 18.88
N GLU A 377 -22.56 36.72 17.71
CA GLU A 377 -22.99 35.98 16.60
C GLU A 377 -21.98 34.92 16.27
N GLY A 378 -20.68 35.26 16.39
CA GLY A 378 -19.60 34.30 16.12
C GLY A 378 -19.73 33.08 17.06
N VAL A 379 -19.97 33.33 18.34
CA VAL A 379 -20.14 32.20 19.26
C VAL A 379 -21.24 31.27 18.82
N LYS A 380 -22.34 31.85 18.48
CA LYS A 380 -23.47 31.09 17.99
C LYS A 380 -23.08 30.31 16.76
N TYR A 381 -22.36 30.95 15.83
CA TYR A 381 -21.83 30.28 14.61
C TYR A 381 -20.99 29.08 14.89
N ILE A 382 -20.05 29.24 15.90
CA ILE A 382 -19.21 28.12 16.27
C ILE A 382 -20.05 26.99 16.80
N ALA A 383 -21.01 27.28 17.67
CA ALA A 383 -21.79 26.22 18.26
C ALA A 383 -22.64 25.50 17.18
N GLU A 384 -23.22 26.20 16.23
CA GLU A 384 -24.00 25.54 15.21
C GLU A 384 -23.13 24.78 14.25
N HIS A 385 -21.89 25.29 14.00
CA HIS A 385 -20.98 24.49 13.16
C HIS A 385 -20.62 23.17 13.83
N MET A 386 -20.45 23.13 15.15
CA MET A 386 -20.27 21.87 15.83
C MET A 386 -21.45 20.97 15.77
N LYS A 387 -22.62 21.52 15.92
CA LYS A 387 -23.85 20.80 15.66
C LYS A 387 -23.74 20.07 14.31
N SER A 388 -23.51 20.83 13.27
CA SER A 388 -23.50 20.29 11.88
C SER A 388 -22.40 19.21 11.73
N ASP A 389 -21.27 19.49 12.25
CA ASP A 389 -20.20 18.44 12.17
C ASP A 389 -20.57 17.17 12.83
N GLU A 390 -21.14 17.24 13.97
CA GLU A 390 -21.59 16.02 14.65
C GLU A 390 -22.70 15.31 13.84
N GLU A 391 -23.66 16.08 13.21
CA GLU A 391 -24.68 15.43 12.45
C GLU A 391 -24.06 14.68 11.21
N SER A 392 -23.17 15.43 10.48
CA SER A 392 -22.73 14.64 9.31
C SER A 392 -21.96 13.46 9.71
N SER A 393 -21.25 13.59 10.86
CA SER A 393 -20.47 12.39 11.29
C SER A 393 -21.43 11.27 11.70
N ASN A 394 -22.66 11.60 12.24
CA ASN A 394 -23.54 10.54 12.66
C ASN A 394 -24.00 9.80 11.40
N ALA A 395 -24.40 10.49 10.39
CA ALA A 395 -24.82 9.73 9.25
C ALA A 395 -23.79 8.80 8.71
N ALA A 396 -22.57 9.32 8.57
CA ALA A 396 -21.51 8.52 8.08
C ALA A 396 -21.21 7.35 9.01
N GLU A 397 -21.32 7.62 10.28
CA GLU A 397 -21.13 6.54 11.27
C GLU A 397 -22.15 5.43 11.13
N GLU A 398 -23.38 5.75 10.84
CA GLU A 398 -24.32 4.69 10.57
C GLU A 398 -24.00 3.78 9.45
N TRP A 399 -23.38 4.41 8.40
CA TRP A 399 -22.87 3.58 7.26
C TRP A 399 -21.70 2.70 7.70
N LYS A 400 -20.78 3.26 8.51
CA LYS A 400 -19.65 2.50 8.98
C LYS A 400 -20.17 1.35 9.83
N TYR A 401 -21.13 1.56 10.66
CA TYR A 401 -21.72 0.48 11.50
C TYR A 401 -22.31 -0.64 10.66
N VAL A 402 -22.97 -0.34 9.61
CA VAL A 402 -23.49 -1.37 8.75
C VAL A 402 -22.35 -2.15 8.14
N ALA A 403 -21.33 -1.51 7.72
CA ALA A 403 -20.22 -2.25 7.16
C ALA A 403 -19.67 -3.19 8.18
N MET A 404 -19.49 -2.77 9.47
CA MET A 404 -18.88 -3.61 10.45
C MET A 404 -19.74 -4.77 10.73
N VAL A 405 -21.05 -4.67 10.77
CA VAL A 405 -21.81 -5.82 11.06
C VAL A 405 -21.71 -6.81 9.93
N ILE A 406 -21.72 -6.41 8.72
CA ILE A 406 -21.57 -7.21 7.54
C ILE A 406 -20.31 -8.02 7.66
N ASP A 407 -19.26 -7.41 8.10
CA ASP A 407 -17.95 -8.14 8.22
C ASP A 407 -18.06 -9.23 9.24
N HIS A 408 -18.72 -9.00 10.33
CA HIS A 408 -18.73 -10.03 11.31
C HIS A 408 -19.42 -11.24 10.75
N ILE A 409 -20.59 -11.01 10.25
CA ILE A 409 -21.47 -12.09 9.76
C ILE A 409 -20.70 -12.87 8.73
N LEU A 410 -19.96 -12.21 7.89
CA LEU A 410 -19.33 -12.88 6.74
C LEU A 410 -18.16 -13.67 7.26
N LEU A 411 -17.51 -13.23 8.33
CA LEU A 411 -16.53 -14.13 8.94
C LEU A 411 -17.01 -15.43 9.39
N CYS A 412 -18.11 -15.45 10.06
CA CYS A 412 -18.61 -16.69 10.50
C CYS A 412 -18.99 -17.60 9.32
N VAL A 413 -19.61 -17.05 8.31
CA VAL A 413 -20.15 -17.84 7.21
C VAL A 413 -18.98 -18.40 6.49
N PHE A 414 -17.93 -17.63 6.27
CA PHE A 414 -16.80 -18.04 5.46
C PHE A 414 -15.98 -19.11 6.11
N MET A 415 -15.77 -19.04 7.40
CA MET A 415 -15.07 -20.12 8.03
C MET A 415 -15.81 -21.38 7.88
N LEU A 416 -17.18 -21.39 8.05
CA LEU A 416 -17.91 -22.63 7.83
C LEU A 416 -17.76 -23.11 6.44
N ILE A 417 -17.83 -22.28 5.44
CA ILE A 417 -17.76 -22.79 4.11
C ILE A 417 -16.41 -23.31 3.76
N CYS A 418 -15.35 -22.77 4.29
CA CYS A 418 -14.05 -23.26 4.10
C CYS A 418 -14.02 -24.70 4.57
N ILE A 419 -14.37 -24.99 5.79
CA ILE A 419 -14.32 -26.25 6.41
C ILE A 419 -15.09 -27.23 5.53
N ILE A 420 -16.32 -26.97 5.27
CA ILE A 420 -17.14 -27.93 4.64
C ILE A 420 -16.54 -28.40 3.38
N GLY A 421 -16.13 -27.37 2.60
CA GLY A 421 -15.69 -27.65 1.25
C GLY A 421 -14.46 -28.45 1.27
N THR A 422 -13.52 -28.22 2.16
CA THR A 422 -12.25 -28.90 2.28
C THR A 422 -12.54 -30.32 2.62
N VAL A 423 -13.17 -30.70 3.68
CA VAL A 423 -13.47 -32.04 4.06
C VAL A 423 -14.01 -32.82 2.91
N SER A 424 -15.04 -32.33 2.35
CA SER A 424 -15.68 -33.09 1.33
C SER A 424 -14.69 -33.37 0.20
N VAL A 425 -13.88 -32.43 -0.17
CA VAL A 425 -13.08 -32.53 -1.36
C VAL A 425 -12.03 -33.60 -1.07
N PHE A 426 -11.47 -33.68 0.20
CA PHE A 426 -10.25 -34.45 0.39
C PHE A 426 -10.40 -35.74 1.09
N ALA A 427 -11.17 -35.84 2.11
CA ALA A 427 -11.30 -37.07 2.76
C ALA A 427 -11.67 -38.24 1.94
N GLY A 428 -12.54 -37.93 0.96
CA GLY A 428 -12.99 -39.02 0.22
C GLY A 428 -11.88 -39.81 -0.55
N ARG A 429 -10.96 -39.13 -1.19
CA ARG A 429 -9.87 -39.73 -1.82
C ARG A 429 -8.92 -40.25 -0.77
N LEU A 430 -8.62 -39.49 0.29
CA LEU A 430 -7.58 -39.86 1.26
C LEU A 430 -7.77 -41.19 1.90
N ILE A 431 -8.99 -41.55 2.16
CA ILE A 431 -9.22 -42.82 2.83
C ILE A 431 -8.82 -43.93 1.95
N GLU A 432 -8.94 -43.87 0.60
CA GLU A 432 -8.60 -44.92 -0.27
C GLU A 432 -7.10 -45.21 -0.15
N LEU A 433 -6.24 -44.22 0.11
CA LEU A 433 -4.79 -44.39 0.19
C LEU A 433 -4.41 -45.11 1.51
N LEU B 226 -12.18 -29.65 -24.45
CA LEU B 226 -12.27 -29.83 -22.97
C LEU B 226 -10.96 -29.56 -22.30
N PHE B 227 -9.87 -30.03 -22.78
CA PHE B 227 -8.57 -29.73 -22.19
C PHE B 227 -8.31 -28.22 -22.18
N TYR B 228 -8.56 -27.57 -23.31
CA TYR B 228 -8.32 -26.14 -23.42
C TYR B 228 -9.35 -25.35 -22.65
N VAL B 229 -10.60 -25.76 -22.65
CA VAL B 229 -11.62 -25.06 -21.90
C VAL B 229 -11.29 -25.09 -20.40
N ILE B 230 -10.85 -26.21 -19.90
CA ILE B 230 -10.60 -26.38 -18.49
C ILE B 230 -9.28 -25.73 -18.09
N ASN B 231 -8.18 -25.94 -18.80
CA ASN B 231 -6.85 -25.51 -18.44
C ASN B 231 -6.48 -24.14 -18.89
N PHE B 232 -7.08 -23.64 -19.90
CA PHE B 232 -6.69 -22.44 -20.56
C PHE B 232 -7.74 -21.37 -20.54
N ILE B 233 -8.95 -21.67 -20.89
CA ILE B 233 -9.92 -20.61 -21.11
C ILE B 233 -10.53 -20.14 -19.78
N THR B 234 -11.06 -21.05 -18.98
CA THR B 234 -11.70 -20.65 -17.78
C THR B 234 -10.81 -19.90 -16.78
N PRO B 235 -9.57 -20.26 -16.46
CA PRO B 235 -8.80 -19.44 -15.57
C PRO B 235 -8.54 -18.05 -16.08
N CYS B 236 -8.17 -18.02 -17.31
CA CYS B 236 -7.97 -16.67 -17.84
C CYS B 236 -9.20 -15.85 -17.85
N VAL B 237 -10.35 -16.36 -18.16
CA VAL B 237 -11.59 -15.61 -18.21
C VAL B 237 -11.92 -15.09 -16.88
N LEU B 238 -11.81 -15.94 -15.79
CA LEU B 238 -12.11 -15.49 -14.49
C LEU B 238 -11.23 -14.33 -14.01
N ILE B 239 -9.94 -14.55 -14.20
CA ILE B 239 -9.08 -13.51 -13.82
C ILE B 239 -9.34 -12.22 -14.46
N SER B 240 -9.82 -12.27 -15.65
CA SER B 240 -10.04 -10.99 -16.41
C SER B 240 -11.33 -10.47 -15.77
N PHE B 241 -12.36 -11.21 -15.58
CA PHE B 241 -13.54 -10.69 -15.00
C PHE B 241 -13.30 -9.96 -13.76
N LEU B 242 -12.25 -10.33 -13.00
CA LEU B 242 -11.99 -9.63 -11.74
C LEU B 242 -11.62 -8.14 -12.06
N ALA B 243 -11.29 -7.79 -13.25
CA ALA B 243 -10.94 -6.41 -13.49
C ALA B 243 -12.14 -5.48 -13.39
N SER B 244 -13.30 -6.00 -13.63
CA SER B 244 -14.49 -5.17 -13.51
C SER B 244 -14.77 -4.74 -12.10
N LEU B 245 -14.34 -5.46 -11.09
CA LEU B 245 -14.55 -5.01 -9.76
C LEU B 245 -13.92 -3.71 -9.44
N ALA B 246 -12.90 -3.32 -10.15
CA ALA B 246 -12.23 -2.00 -9.93
C ALA B 246 -13.19 -0.89 -9.98
N PHE B 247 -14.19 -0.94 -10.84
CA PHE B 247 -15.19 0.09 -11.02
C PHE B 247 -16.13 0.13 -9.83
N TYR B 248 -16.39 -0.93 -9.17
CA TYR B 248 -17.28 -0.89 -8.00
C TYR B 248 -16.47 -0.59 -6.72
N LEU B 249 -15.16 -0.40 -6.79
CA LEU B 249 -14.43 -0.04 -5.63
C LEU B 249 -14.27 1.41 -5.43
N PRO B 250 -14.68 1.99 -4.33
CA PRO B 250 -14.82 3.47 -4.24
C PRO B 250 -13.44 4.16 -4.28
N ALA B 251 -13.35 5.37 -4.87
CA ALA B 251 -12.18 6.13 -4.91
C ALA B 251 -11.63 6.47 -3.57
N GLU B 252 -12.47 6.65 -2.59
CA GLU B 252 -12.04 6.96 -1.22
C GLU B 252 -11.20 5.86 -0.66
N SER B 253 -11.55 4.56 -0.93
CA SER B 253 -10.70 3.46 -0.58
C SER B 253 -9.57 3.43 -1.52
N GLY B 254 -8.42 3.93 -1.00
CA GLY B 254 -7.27 4.05 -1.80
C GLY B 254 -6.63 2.77 -2.25
N GLU B 255 -7.32 1.97 -2.98
CA GLU B 255 -6.80 0.67 -3.36
C GLU B 255 -7.29 0.32 -4.79
N LYS B 256 -7.58 1.32 -5.58
CA LYS B 256 -7.92 1.01 -7.02
C LYS B 256 -6.70 0.58 -7.74
N MET B 257 -5.58 1.33 -7.57
CA MET B 257 -4.35 1.05 -8.31
C MET B 257 -3.84 -0.37 -7.91
N SER B 258 -3.80 -0.57 -6.64
CA SER B 258 -3.35 -1.88 -6.13
C SER B 258 -4.04 -3.05 -6.82
N THR B 259 -5.31 -2.93 -6.80
CA THR B 259 -6.09 -4.00 -7.34
C THR B 259 -5.83 -4.19 -8.87
N ALA B 260 -5.78 -3.07 -9.54
CA ALA B 260 -5.72 -3.11 -11.06
C ALA B 260 -4.30 -3.64 -11.37
N ILE B 261 -3.20 -3.21 -10.67
CA ILE B 261 -1.88 -3.60 -11.07
C ILE B 261 -1.66 -5.04 -10.78
N SER B 262 -2.21 -5.67 -9.82
CA SER B 262 -2.10 -7.06 -9.62
C SER B 262 -2.86 -7.80 -10.64
N VAL B 263 -3.98 -7.29 -11.01
CA VAL B 263 -4.64 -7.93 -12.20
C VAL B 263 -3.83 -7.92 -13.43
N LEU B 264 -3.19 -6.86 -13.70
CA LEU B 264 -2.32 -6.80 -14.85
C LEU B 264 -1.19 -7.74 -14.76
N LEU B 265 -0.62 -7.99 -13.61
CA LEU B 265 0.45 -8.93 -13.47
C LEU B 265 -0.01 -10.30 -13.74
N ALA B 266 -1.15 -10.65 -13.25
CA ALA B 266 -1.65 -12.00 -13.63
C ALA B 266 -1.90 -12.14 -15.06
N GLN B 267 -2.35 -11.15 -15.79
CA GLN B 267 -2.55 -11.26 -17.18
C GLN B 267 -1.22 -11.41 -17.90
N ALA B 268 -0.18 -10.77 -17.51
CA ALA B 268 1.10 -11.01 -18.03
C ALA B 268 1.55 -12.42 -17.98
N VAL B 269 1.31 -13.02 -16.86
CA VAL B 269 1.62 -14.42 -16.61
C VAL B 269 0.85 -15.28 -17.53
N PHE B 270 -0.43 -14.98 -17.79
CA PHE B 270 -1.21 -15.82 -18.73
C PHE B 270 -0.65 -15.68 -20.09
N LEU B 271 -0.22 -14.54 -20.51
CA LEU B 271 0.38 -14.44 -21.78
C LEU B 271 1.65 -15.27 -21.94
N LEU B 272 2.42 -15.30 -20.91
CA LEU B 272 3.63 -16.15 -20.89
C LEU B 272 3.15 -17.63 -21.04
N LEU B 273 2.17 -18.03 -20.34
CA LEU B 273 1.67 -19.42 -20.41
C LEU B 273 1.23 -19.78 -21.81
N THR B 274 0.50 -18.87 -22.49
CA THR B 274 -0.02 -19.24 -23.74
C THR B 274 1.08 -19.30 -24.85
N SER B 275 2.13 -18.57 -24.75
CA SER B 275 3.12 -18.53 -25.78
C SER B 275 3.77 -19.85 -25.92
N GLN B 276 3.87 -20.61 -24.83
CA GLN B 276 4.60 -21.94 -24.73
C GLN B 276 3.77 -23.11 -25.38
N ARG B 277 2.46 -22.93 -25.58
CA ARG B 277 1.58 -24.03 -25.98
C ARG B 277 1.51 -24.27 -27.43
N LEU B 278 2.01 -23.32 -28.28
CA LEU B 278 1.80 -23.40 -29.74
C LEU B 278 3.16 -23.42 -30.45
N PRO B 279 3.15 -23.85 -31.69
CA PRO B 279 4.38 -23.79 -32.52
C PRO B 279 4.69 -22.40 -32.92
N GLU B 280 5.87 -22.36 -33.53
CA GLU B 280 6.40 -21.01 -33.84
C GLU B 280 5.99 -20.53 -35.23
N THR B 281 5.02 -21.17 -35.87
CA THR B 281 4.67 -20.74 -37.19
C THR B 281 4.10 -19.30 -37.20
N ALA B 282 4.02 -18.66 -38.39
CA ALA B 282 3.52 -17.24 -38.44
C ALA B 282 2.53 -17.11 -39.54
N LEU B 283 1.88 -18.27 -39.96
CA LEU B 283 0.90 -18.28 -40.99
C LEU B 283 -0.27 -17.41 -40.49
N ALA B 284 -0.67 -17.62 -39.21
CA ALA B 284 -1.78 -16.86 -38.67
C ALA B 284 -1.70 -17.01 -37.14
N VAL B 285 -2.44 -16.10 -36.52
CA VAL B 285 -2.53 -16.04 -35.03
C VAL B 285 -3.63 -16.97 -34.70
N PRO B 286 -3.49 -17.85 -33.72
CA PRO B 286 -4.58 -18.75 -33.39
C PRO B 286 -5.75 -17.98 -32.83
N LEU B 287 -6.95 -18.59 -33.03
CA LEU B 287 -8.22 -17.98 -32.56
C LEU B 287 -8.14 -17.66 -31.09
N ILE B 288 -7.65 -18.56 -30.28
CA ILE B 288 -7.55 -18.31 -28.82
C ILE B 288 -6.54 -17.20 -28.61
N GLY B 289 -5.53 -17.12 -29.41
CA GLY B 289 -4.56 -15.98 -29.30
C GLY B 289 -5.25 -14.63 -29.64
N LYS B 290 -6.08 -14.63 -30.69
CA LYS B 290 -6.77 -13.42 -31.02
C LYS B 290 -7.68 -12.97 -29.87
N TYR B 291 -8.36 -13.91 -29.27
CA TYR B 291 -9.26 -13.55 -28.20
C TYR B 291 -8.51 -13.09 -26.99
N LEU B 292 -7.31 -13.66 -26.70
CA LEU B 292 -6.52 -13.22 -25.57
C LEU B 292 -6.04 -11.84 -25.77
N MET B 293 -5.52 -11.47 -26.95
CA MET B 293 -5.08 -10.18 -27.27
C MET B 293 -6.17 -9.13 -27.05
N PHE B 294 -7.37 -9.39 -27.60
CA PHE B 294 -8.44 -8.49 -27.52
C PHE B 294 -8.88 -8.25 -26.08
N ILE B 295 -8.99 -9.30 -25.28
CA ILE B 295 -9.48 -9.20 -23.95
C ILE B 295 -8.41 -8.55 -23.04
N MET B 296 -7.17 -8.78 -23.31
CA MET B 296 -6.12 -8.07 -22.52
C MET B 296 -6.19 -6.63 -22.78
N SER B 297 -6.28 -6.27 -24.00
CA SER B 297 -6.36 -4.88 -24.37
C SER B 297 -7.60 -4.19 -23.67
N LEU B 298 -8.71 -4.85 -23.65
CA LEU B 298 -9.93 -4.31 -22.97
C LEU B 298 -9.66 -4.10 -21.49
N VAL B 299 -9.04 -5.05 -20.86
CA VAL B 299 -8.74 -4.91 -19.51
C VAL B 299 -7.81 -3.80 -19.19
N THR B 300 -6.85 -3.61 -20.02
CA THR B 300 -5.93 -2.54 -19.84
C THR B 300 -6.65 -1.14 -20.01
N GLY B 301 -7.60 -1.07 -20.88
CA GLY B 301 -8.43 0.09 -20.93
C GLY B 301 -9.22 0.35 -19.64
N VAL B 302 -9.62 -0.66 -18.95
CA VAL B 302 -10.32 -0.46 -17.73
C VAL B 302 -9.36 0.04 -16.74
N ILE B 303 -8.22 -0.53 -16.66
CA ILE B 303 -7.23 0.03 -15.67
C ILE B 303 -6.89 1.49 -15.94
N VAL B 304 -6.69 1.85 -17.18
CA VAL B 304 -6.32 3.20 -17.38
C VAL B 304 -7.44 4.13 -16.97
N ASN B 305 -8.64 3.69 -17.13
CA ASN B 305 -9.83 4.58 -16.84
C ASN B 305 -10.03 4.72 -15.38
N CYS B 306 -9.72 3.70 -14.59
CA CYS B 306 -9.72 3.85 -13.19
C CYS B 306 -8.75 4.90 -12.59
N GLY B 307 -7.60 4.88 -13.30
CA GLY B 307 -6.68 5.88 -12.90
C GLY B 307 -7.14 7.30 -13.24
N ILE B 308 -7.78 7.36 -14.35
CA ILE B 308 -8.21 8.68 -14.83
C ILE B 308 -9.32 9.11 -13.83
N VAL B 309 -10.21 8.22 -13.42
CA VAL B 309 -11.32 8.60 -12.59
C VAL B 309 -10.78 9.15 -11.25
N LEU B 310 -9.79 8.55 -10.69
CA LEU B 310 -9.29 9.10 -9.45
C LEU B 310 -8.65 10.47 -9.71
N ASN B 311 -8.04 10.70 -10.82
CA ASN B 311 -7.52 11.95 -11.19
C ASN B 311 -8.63 12.98 -11.24
N PHE B 312 -9.75 12.69 -11.80
CA PHE B 312 -10.91 13.59 -11.89
C PHE B 312 -11.49 13.83 -10.52
N HIS B 313 -11.65 12.81 -9.64
CA HIS B 313 -12.28 12.98 -8.39
C HIS B 313 -11.59 13.99 -7.50
N PHE B 314 -10.29 14.08 -7.57
CA PHE B 314 -9.45 14.83 -6.65
C PHE B 314 -9.06 16.24 -7.21
N ARG B 315 -9.69 16.64 -8.26
CA ARG B 315 -9.43 18.00 -8.74
C ARG B 315 -10.22 19.00 -7.82
N THR B 316 -9.56 20.19 -7.66
CA THR B 316 -10.08 21.26 -6.81
C THR B 316 -10.08 22.57 -7.55
N PRO B 317 -10.75 23.57 -7.01
CA PRO B 317 -10.83 24.85 -7.67
C PRO B 317 -9.54 25.56 -7.90
N SER B 318 -8.53 25.19 -7.10
CA SER B 318 -7.30 25.85 -7.15
C SER B 318 -6.44 25.29 -8.31
N THR B 319 -6.83 24.15 -8.88
CA THR B 319 -6.09 23.61 -9.94
C THR B 319 -6.86 23.35 -11.24
N HIS B 320 -8.19 23.23 -11.18
CA HIS B 320 -9.06 22.83 -12.33
C HIS B 320 -10.28 23.67 -12.39
N VAL B 321 -10.95 23.70 -13.50
CA VAL B 321 -12.16 24.43 -13.70
C VAL B 321 -13.32 23.46 -13.96
N LEU B 322 -14.37 23.66 -13.17
CA LEU B 322 -15.56 22.75 -13.29
C LEU B 322 -16.48 23.50 -14.33
N SER B 323 -16.39 22.92 -15.49
CA SER B 323 -17.14 23.55 -16.57
C SER B 323 -18.61 23.32 -16.44
N THR B 324 -19.40 24.13 -17.14
CA THR B 324 -20.87 24.03 -17.06
C THR B 324 -21.35 22.69 -17.66
N ARG B 325 -20.67 22.24 -18.76
CA ARG B 325 -21.08 20.99 -19.30
C ARG B 325 -20.98 19.85 -18.29
N VAL B 326 -19.90 19.79 -17.56
CA VAL B 326 -19.71 18.75 -16.59
C VAL B 326 -20.77 18.85 -15.49
N LYS B 327 -21.11 20.09 -15.01
CA LYS B 327 -22.12 20.24 -14.03
C LYS B 327 -23.43 19.72 -14.46
N GLN B 328 -23.82 20.10 -15.63
CA GLN B 328 -25.12 19.67 -16.17
C GLN B 328 -25.16 18.19 -16.27
N ILE B 329 -24.12 17.57 -16.85
CA ILE B 329 -24.15 16.14 -17.11
C ILE B 329 -24.16 15.35 -15.86
N PHE B 330 -23.29 15.66 -14.88
CA PHE B 330 -22.98 14.80 -13.76
C PHE B 330 -23.62 15.24 -12.43
N LEU B 331 -24.30 16.34 -12.41
CA LEU B 331 -24.96 16.73 -11.20
C LEU B 331 -26.46 16.84 -11.38
N GLU B 332 -27.00 16.97 -12.61
CA GLU B 332 -28.43 17.05 -12.81
C GLU B 332 -28.98 15.86 -13.54
N LYS B 333 -28.41 15.56 -14.70
CA LYS B 333 -29.02 14.57 -15.57
C LYS B 333 -28.77 13.17 -15.10
N LEU B 334 -27.53 12.76 -15.06
CA LEU B 334 -27.25 11.37 -14.70
C LEU B 334 -27.70 10.97 -13.29
N PRO B 335 -27.55 11.75 -12.27
CA PRO B 335 -28.07 11.35 -10.93
C PRO B 335 -29.53 11.05 -11.01
N ARG B 336 -30.26 11.82 -11.75
CA ARG B 336 -31.69 11.59 -11.92
C ARG B 336 -31.96 10.33 -12.70
N ILE B 337 -31.25 10.16 -13.81
CA ILE B 337 -31.45 8.96 -14.69
C ILE B 337 -31.13 7.68 -13.91
N LEU B 338 -30.07 7.68 -13.13
CA LEU B 338 -29.62 6.45 -12.47
C LEU B 338 -30.30 6.29 -11.14
N HIS B 339 -31.35 7.07 -10.84
CA HIS B 339 -32.09 6.95 -9.62
C HIS B 339 -31.25 6.95 -8.38
N MET B 340 -30.21 7.81 -8.37
CA MET B 340 -29.30 7.93 -7.26
C MET B 340 -29.92 8.49 -6.04
N SER B 341 -29.55 8.10 -4.84
CA SER B 341 -30.23 8.44 -3.58
C SER B 341 -30.17 9.90 -3.36
N HIS B 416 -10.75 48.20 28.51
CA HIS B 416 -11.28 46.91 28.25
C HIS B 416 -10.88 46.34 26.85
N ASP B 417 -9.66 46.67 26.49
CA ASP B 417 -9.15 46.22 25.18
C ASP B 417 -8.86 44.70 25.13
N GLU B 418 -8.52 44.13 26.27
CA GLU B 418 -8.30 42.67 26.37
C GLU B 418 -9.52 41.87 26.02
N ILE B 419 -10.70 42.22 26.57
CA ILE B 419 -11.95 41.56 26.22
C ILE B 419 -12.29 41.82 24.73
N LYS B 420 -12.02 43.03 24.22
CA LYS B 420 -12.28 43.35 22.81
C LYS B 420 -11.40 42.40 21.94
N SER B 421 -10.12 42.16 22.36
CA SER B 421 -9.33 41.28 21.59
C SER B 421 -9.83 39.80 21.67
N GLY B 422 -10.33 39.46 22.86
CA GLY B 422 -11.00 38.14 22.90
C GLY B 422 -12.31 38.01 22.04
N ILE B 423 -13.09 39.06 22.00
CA ILE B 423 -14.23 39.05 21.05
C ILE B 423 -13.79 38.98 19.63
N ASP B 424 -12.71 39.68 19.29
CA ASP B 424 -12.02 39.64 17.97
C ASP B 424 -11.53 38.17 17.69
N SER B 425 -10.94 37.56 18.76
CA SER B 425 -10.47 36.14 18.55
C SER B 425 -11.68 35.15 18.32
N THR B 426 -12.78 35.32 19.03
CA THR B 426 -13.89 34.51 18.69
C THR B 426 -14.51 34.77 17.29
N ASN B 427 -14.53 36.04 16.90
CA ASN B 427 -14.95 36.39 15.54
C ASN B 427 -13.96 35.78 14.49
N TYR B 428 -12.62 35.83 14.77
CA TYR B 428 -11.66 35.17 13.92
C TYR B 428 -11.92 33.63 13.79
N ILE B 429 -12.26 32.96 14.90
CA ILE B 429 -12.59 31.58 14.85
C ILE B 429 -13.80 31.34 13.91
N VAL B 430 -14.82 32.20 14.08
CA VAL B 430 -15.98 32.02 13.23
C VAL B 430 -15.67 32.26 11.76
N LYS B 431 -14.84 33.32 11.49
CA LYS B 431 -14.45 33.61 10.09
C LYS B 431 -13.70 32.40 9.49
N GLN B 432 -12.80 31.81 10.24
CA GLN B 432 -12.08 30.67 9.71
C GLN B 432 -13.01 29.48 9.44
N ILE B 433 -14.00 29.26 10.30
CA ILE B 433 -14.95 28.18 10.15
C ILE B 433 -15.79 28.40 8.92
N LYS B 434 -16.14 29.68 8.62
CA LYS B 434 -16.98 29.93 7.47
C LYS B 434 -16.20 29.70 6.22
N GLU B 435 -14.97 30.15 6.13
CA GLU B 435 -14.12 29.94 5.01
C GLU B 435 -13.96 28.47 4.75
N LYS B 436 -13.73 27.68 5.83
CA LYS B 436 -13.57 26.22 5.62
C LYS B 436 -14.81 25.63 5.12
N ASN B 437 -16.04 26.14 5.50
CA ASN B 437 -17.27 25.53 5.04
C ASN B 437 -17.39 25.77 3.50
N ALA B 438 -17.13 26.98 3.00
CA ALA B 438 -17.31 27.11 1.60
C ALA B 438 -16.33 26.22 0.92
N TYR B 439 -15.14 26.14 1.36
CA TYR B 439 -14.17 25.28 0.74
C TYR B 439 -14.62 23.83 0.69
N ASP B 440 -15.15 23.39 1.84
CA ASP B 440 -15.60 22.00 1.98
C ASP B 440 -16.80 21.70 1.08
N GLU B 441 -17.77 22.68 0.93
CA GLU B 441 -18.94 22.27 0.12
C GLU B 441 -18.52 22.15 -1.31
N GLU B 442 -17.50 22.93 -1.84
CA GLU B 442 -17.09 22.67 -3.20
C GLU B 442 -16.36 21.36 -3.34
N VAL B 443 -15.57 21.02 -2.33
CA VAL B 443 -14.90 19.77 -2.34
C VAL B 443 -15.98 18.63 -2.29
N GLY B 444 -17.09 18.79 -1.51
CA GLY B 444 -18.23 17.82 -1.55
C GLY B 444 -18.86 17.70 -2.91
N ASN B 445 -18.95 18.80 -3.64
CA ASN B 445 -19.42 18.70 -5.07
C ASN B 445 -18.60 17.76 -5.86
N TRP B 446 -17.29 17.90 -5.67
CA TRP B 446 -16.37 17.02 -6.42
C TRP B 446 -16.59 15.60 -5.96
N ASN B 447 -16.73 15.39 -4.69
CA ASN B 447 -16.99 14.04 -4.16
C ASN B 447 -18.18 13.40 -4.78
N LEU B 448 -19.31 14.19 -4.82
CA LEU B 448 -20.56 13.70 -5.41
C LEU B 448 -20.35 13.35 -6.84
N VAL B 449 -19.56 14.11 -7.63
CA VAL B 449 -19.22 13.82 -9.02
C VAL B 449 -18.56 12.48 -9.11
N GLY B 450 -17.66 12.24 -8.20
CA GLY B 450 -16.99 10.93 -8.31
C GLY B 450 -17.92 9.84 -8.06
N GLN B 451 -18.79 9.98 -7.07
CA GLN B 451 -19.71 8.87 -6.78
C GLN B 451 -20.60 8.56 -7.93
N THR B 452 -21.23 9.56 -8.48
CA THR B 452 -22.10 9.39 -9.59
C THR B 452 -21.34 8.74 -10.79
N ILE B 453 -20.05 9.08 -11.01
CA ILE B 453 -19.20 8.40 -12.03
C ILE B 453 -19.03 6.95 -11.77
N ASP B 454 -18.88 6.55 -10.49
CA ASP B 454 -18.83 5.17 -10.13
C ASP B 454 -20.07 4.42 -10.56
N ARG B 455 -21.18 4.98 -10.22
CA ARG B 455 -22.37 4.26 -10.50
C ARG B 455 -22.59 4.09 -11.95
N LEU B 456 -22.34 5.21 -12.71
CA LEU B 456 -22.60 5.20 -14.13
C LEU B 456 -21.62 4.27 -14.81
N SER B 457 -20.33 4.19 -14.36
CA SER B 457 -19.32 3.31 -14.89
C SER B 457 -19.68 1.84 -14.69
N MET B 458 -20.09 1.42 -13.53
CA MET B 458 -20.60 0.10 -13.41
C MET B 458 -21.66 -0.25 -14.39
N PHE B 459 -22.69 0.53 -14.36
CA PHE B 459 -23.80 0.22 -15.20
C PHE B 459 -23.40 0.26 -16.72
N ILE B 460 -22.37 1.00 -17.07
CA ILE B 460 -21.97 1.14 -18.49
C ILE B 460 -21.00 0.07 -18.84
N ILE B 461 -20.14 -0.45 -17.92
CA ILE B 461 -18.96 -1.32 -18.25
C ILE B 461 -19.42 -2.80 -18.08
N THR B 462 -20.10 -3.14 -17.06
CA THR B 462 -20.37 -4.55 -16.95
C THR B 462 -21.12 -5.10 -18.08
N PRO B 463 -22.13 -4.38 -18.54
CA PRO B 463 -22.80 -4.95 -19.75
C PRO B 463 -21.96 -5.01 -20.96
N VAL B 464 -21.07 -3.98 -21.21
CA VAL B 464 -20.13 -4.01 -22.33
C VAL B 464 -19.19 -5.23 -22.30
N MET B 465 -18.72 -5.57 -21.08
CA MET B 465 -17.82 -6.66 -21.09
C MET B 465 -18.55 -7.94 -21.42
N VAL B 466 -19.77 -8.05 -20.92
CA VAL B 466 -20.54 -9.21 -21.13
C VAL B 466 -20.96 -9.42 -22.55
N LEU B 467 -21.36 -8.38 -23.21
CA LEU B 467 -21.83 -8.51 -24.56
C LEU B 467 -20.67 -8.83 -25.43
N GLY B 468 -19.53 -8.24 -25.36
CA GLY B 468 -18.40 -8.50 -26.13
C GLY B 468 -18.02 -9.92 -26.03
N THR B 469 -17.97 -10.40 -24.83
CA THR B 469 -17.55 -11.77 -24.51
C THR B 469 -18.54 -12.76 -25.13
N ILE B 470 -19.88 -12.56 -24.93
CA ILE B 470 -20.93 -13.48 -25.42
C ILE B 470 -20.83 -13.59 -26.87
N PHE B 471 -20.70 -12.45 -27.60
CA PHE B 471 -20.72 -12.54 -29.01
C PHE B 471 -19.59 -13.30 -29.56
N ILE B 472 -18.41 -13.04 -29.02
CA ILE B 472 -17.13 -13.70 -29.48
C ILE B 472 -17.28 -15.17 -29.20
N PHE B 473 -17.70 -15.58 -28.04
CA PHE B 473 -17.73 -16.92 -27.68
C PHE B 473 -18.84 -17.79 -28.31
N VAL B 474 -20.04 -17.19 -28.63
CA VAL B 474 -20.96 -17.88 -29.44
C VAL B 474 -20.53 -18.11 -30.92
N MET B 475 -19.85 -17.06 -31.35
CA MET B 475 -19.17 -17.32 -32.60
C MET B 475 -18.15 -18.47 -32.62
N GLY B 476 -17.40 -18.41 -31.54
CA GLY B 476 -16.46 -19.51 -31.30
C GLY B 476 -17.10 -20.91 -30.98
N ASN B 477 -18.25 -20.94 -30.23
CA ASN B 477 -19.01 -22.23 -30.09
C ASN B 477 -19.56 -22.81 -31.35
N PHE B 478 -19.64 -21.99 -32.42
CA PHE B 478 -20.15 -22.51 -33.69
C PHE B 478 -19.11 -22.95 -34.74
N ASN B 479 -17.95 -23.35 -34.15
CA ASN B 479 -16.74 -23.76 -34.87
C ASN B 479 -16.32 -25.24 -34.67
N LEU C 218 5.46 -10.11 -38.70
CA LEU C 218 4.27 -10.26 -37.95
C LEU C 218 4.28 -11.01 -36.69
N PHE C 219 4.92 -12.19 -36.75
CA PHE C 219 5.06 -13.02 -35.59
C PHE C 219 5.74 -12.31 -34.47
N TYR C 220 6.93 -11.71 -34.74
CA TYR C 220 7.64 -10.99 -33.75
C TYR C 220 6.90 -9.80 -33.26
N ILE C 221 6.20 -9.04 -34.18
CA ILE C 221 5.43 -7.90 -33.81
C ILE C 221 4.50 -8.32 -32.68
N VAL C 222 3.63 -9.28 -32.92
CA VAL C 222 2.69 -9.62 -31.86
C VAL C 222 3.49 -10.01 -30.61
N TYR C 223 4.22 -11.10 -30.71
CA TYR C 223 4.63 -11.88 -29.58
C TYR C 223 5.60 -11.16 -28.71
N THR C 224 6.23 -10.12 -29.18
CA THR C 224 7.22 -9.37 -28.40
C THR C 224 6.81 -7.91 -28.24
N ILE C 225 6.45 -7.29 -29.31
CA ILE C 225 6.28 -5.86 -29.29
C ILE C 225 4.99 -5.50 -28.57
N ILE C 226 3.90 -6.24 -28.71
CA ILE C 226 2.62 -5.79 -28.13
C ILE C 226 2.82 -5.81 -26.62
N PRO C 227 3.37 -6.90 -26.05
CA PRO C 227 3.38 -6.80 -24.60
C PRO C 227 4.24 -5.74 -24.07
N CYS C 228 5.35 -5.57 -24.80
CA CYS C 228 6.28 -4.51 -24.37
C CYS C 228 5.55 -3.23 -24.33
N ILE C 229 4.76 -2.88 -25.35
CA ILE C 229 4.11 -1.58 -25.53
C ILE C 229 3.27 -1.39 -24.29
N LEU C 230 2.53 -2.39 -23.88
CA LEU C 230 1.57 -2.01 -22.87
C LEU C 230 2.38 -1.74 -21.60
N ILE C 231 3.53 -2.33 -21.42
CA ILE C 231 4.22 -1.95 -20.23
C ILE C 231 4.86 -0.59 -20.28
N SER C 232 5.19 -0.14 -21.47
CA SER C 232 5.72 1.17 -21.60
C SER C 232 4.55 2.19 -21.32
N ILE C 233 3.39 1.84 -21.67
CA ILE C 233 2.31 2.83 -21.43
C ILE C 233 2.11 2.94 -19.94
N LEU C 234 2.22 1.91 -19.19
CA LEU C 234 2.08 1.97 -17.76
C LEU C 234 3.08 2.89 -17.21
N ALA C 235 4.29 2.69 -17.65
CA ALA C 235 5.35 3.44 -16.89
C ALA C 235 5.13 4.86 -17.23
N ILE C 236 4.69 5.26 -18.37
CA ILE C 236 4.40 6.60 -18.68
C ILE C 236 3.25 7.11 -17.80
N LEU C 237 2.20 6.31 -17.61
CA LEU C 237 1.06 6.77 -16.86
C LEU C 237 1.38 7.07 -15.45
N VAL C 238 2.41 6.61 -14.86
CA VAL C 238 2.66 6.86 -13.49
C VAL C 238 2.84 8.35 -13.24
N PHE C 239 3.26 9.08 -14.22
CA PHE C 239 3.53 10.56 -14.06
C PHE C 239 2.23 11.34 -14.20
N TYR C 240 1.12 10.81 -14.55
CA TYR C 240 -0.12 11.53 -14.51
C TYR C 240 -0.83 11.32 -13.17
N LEU C 241 -0.41 10.38 -12.34
CA LEU C 241 -1.01 10.12 -11.04
C LEU C 241 -0.69 11.30 -10.12
N PRO C 242 -1.66 11.85 -9.38
CA PRO C 242 -1.40 12.93 -8.49
C PRO C 242 -0.55 12.46 -7.29
N PRO C 243 0.40 13.30 -6.81
CA PRO C 243 1.15 12.92 -5.66
C PRO C 243 0.31 12.70 -4.40
N ASP C 244 -0.83 13.24 -4.23
CA ASP C 244 -1.76 13.15 -3.10
C ASP C 244 -2.32 11.74 -3.00
N ALA C 245 -2.41 11.04 -4.16
CA ALA C 245 -2.91 9.68 -4.14
C ALA C 245 -2.16 8.70 -3.35
N GLY C 246 -0.85 9.00 -3.11
CA GLY C 246 0.07 8.08 -2.36
C GLY C 246 0.19 6.73 -3.09
N GLU C 247 0.31 6.77 -4.36
CA GLU C 247 0.35 5.53 -5.14
C GLU C 247 1.47 5.56 -6.20
N LYS C 248 2.35 6.62 -6.11
CA LYS C 248 3.39 6.73 -7.20
C LYS C 248 4.32 5.53 -7.01
N MET C 249 4.75 5.18 -5.80
CA MET C 249 5.71 4.15 -5.72
C MET C 249 5.05 2.80 -6.11
N SER C 250 3.85 2.49 -5.80
CA SER C 250 3.21 1.34 -6.30
C SER C 250 3.28 1.22 -7.75
N LEU C 251 2.90 2.24 -8.46
CA LEU C 251 2.83 2.17 -9.90
C LEU C 251 4.22 1.94 -10.48
N SER C 252 5.13 2.81 -10.05
CA SER C 252 6.51 2.85 -10.70
C SER C 252 7.23 1.51 -10.43
N ILE C 253 7.19 1.05 -9.20
CA ILE C 253 7.95 -0.19 -8.88
C ILE C 253 7.31 -1.40 -9.46
N SER C 254 6.05 -1.38 -9.70
CA SER C 254 5.39 -2.44 -10.33
C SER C 254 5.65 -2.46 -11.80
N ALA C 255 5.87 -1.29 -12.37
CA ALA C 255 6.40 -1.18 -13.78
C ALA C 255 7.86 -1.77 -13.91
N LEU C 256 8.66 -1.47 -12.93
CA LEU C 256 10.00 -2.03 -12.91
C LEU C 256 9.93 -3.60 -12.84
N LEU C 257 9.07 -4.11 -12.04
CA LEU C 257 8.86 -5.56 -12.03
C LEU C 257 8.47 -6.06 -13.37
N ALA C 258 7.75 -5.31 -14.13
CA ALA C 258 7.29 -5.76 -15.47
C ALA C 258 8.56 -5.83 -16.32
N VAL C 259 9.38 -4.81 -16.32
CA VAL C 259 10.52 -4.78 -17.18
C VAL C 259 11.44 -5.95 -16.91
N THR C 260 11.71 -6.31 -15.67
CA THR C 260 12.59 -7.40 -15.34
C THR C 260 11.91 -8.67 -15.80
N VAL C 261 10.64 -8.76 -15.74
CA VAL C 261 9.87 -9.94 -16.26
C VAL C 261 10.08 -10.07 -17.79
N PHE C 262 10.07 -8.92 -18.47
CA PHE C 262 10.34 -8.97 -19.94
C PHE C 262 11.78 -9.45 -20.23
N LEU C 263 12.71 -9.14 -19.41
CA LEU C 263 14.00 -9.68 -19.65
C LEU C 263 13.97 -11.20 -19.44
N LEU C 264 13.33 -11.65 -18.43
CA LEU C 264 13.19 -13.10 -18.34
C LEU C 264 12.51 -13.73 -19.52
N LEU C 265 11.53 -13.01 -20.00
CA LEU C 265 10.74 -13.48 -21.18
C LEU C 265 11.72 -13.66 -22.36
N LEU C 266 12.62 -12.68 -22.61
CA LEU C 266 13.51 -12.69 -23.78
C LEU C 266 14.61 -13.68 -23.61
N ALA C 267 15.00 -13.98 -22.41
CA ALA C 267 16.10 -14.95 -22.29
C ALA C 267 15.97 -16.19 -23.23
N ASP C 268 14.80 -16.89 -23.23
CA ASP C 268 14.76 -18.16 -23.88
C ASP C 268 14.49 -17.98 -25.38
N LYS C 269 14.71 -16.88 -26.07
CA LYS C 269 14.50 -16.65 -27.54
C LYS C 269 15.77 -16.14 -28.23
N VAL C 270 16.72 -15.59 -27.53
CA VAL C 270 17.89 -15.14 -28.27
C VAL C 270 18.99 -16.16 -28.31
N PRO C 271 19.77 -16.25 -29.40
CA PRO C 271 20.88 -17.11 -29.46
C PRO C 271 21.92 -17.03 -28.40
N GLU C 272 22.45 -18.16 -27.98
CA GLU C 272 23.47 -18.30 -26.95
C GLU C 272 24.90 -18.13 -27.23
N THR C 273 25.30 -17.11 -27.91
CA THR C 273 26.66 -16.86 -28.20
C THR C 273 27.08 -15.54 -27.52
N SER C 274 28.42 -15.30 -27.26
CA SER C 274 28.73 -14.25 -26.30
C SER C 274 29.63 -13.22 -26.95
N LEU C 275 29.64 -13.32 -28.32
CA LEU C 275 30.48 -12.37 -29.13
C LEU C 275 29.81 -10.99 -29.13
N SER C 276 28.49 -10.96 -29.17
CA SER C 276 27.78 -9.67 -29.24
C SER C 276 26.44 -9.79 -28.66
N VAL C 277 25.72 -8.65 -28.75
CA VAL C 277 24.45 -8.59 -28.04
C VAL C 277 23.40 -8.35 -29.20
N PRO C 278 22.40 -9.22 -29.31
CA PRO C 278 21.43 -8.98 -30.32
C PRO C 278 20.65 -7.70 -30.14
N ILE C 279 20.25 -7.15 -31.24
CA ILE C 279 19.57 -5.89 -31.24
C ILE C 279 18.32 -5.85 -30.39
N ILE C 280 17.64 -6.98 -30.30
CA ILE C 280 16.41 -7.00 -29.51
C ILE C 280 16.77 -6.83 -28.00
N ILE C 281 17.84 -7.41 -27.55
CA ILE C 281 18.30 -7.25 -26.17
C ILE C 281 18.75 -5.83 -25.94
N ARG C 282 19.40 -5.15 -26.95
CA ARG C 282 19.76 -3.79 -26.83
C ARG C 282 18.53 -2.89 -26.63
N TYR C 283 17.49 -3.19 -27.40
CA TYR C 283 16.26 -2.40 -27.25
C TYR C 283 15.60 -2.64 -25.92
N LEU C 284 15.59 -3.87 -25.44
CA LEU C 284 15.05 -4.16 -24.09
C LEU C 284 15.81 -3.45 -23.01
N MET C 285 17.15 -3.39 -23.10
CA MET C 285 17.91 -2.74 -22.08
C MET C 285 17.68 -1.23 -22.11
N PHE C 286 17.53 -0.66 -23.31
CA PHE C 286 17.23 0.75 -23.39
C PHE C 286 15.91 1.04 -22.78
N ILE C 287 14.89 0.24 -23.03
CA ILE C 287 13.59 0.43 -22.48
C ILE C 287 13.64 0.26 -20.95
N MET C 288 14.42 -0.67 -20.48
CA MET C 288 14.56 -0.91 -19.03
C MET C 288 15.12 0.28 -18.36
N ILE C 289 16.12 0.93 -18.92
CA ILE C 289 16.76 2.06 -18.32
C ILE C 289 15.80 3.24 -18.36
N LEU C 290 15.03 3.35 -19.44
CA LEU C 290 14.02 4.46 -19.44
C LEU C 290 12.99 4.32 -18.38
N VAL C 291 12.56 3.14 -18.18
CA VAL C 291 11.57 2.90 -17.15
C VAL C 291 12.16 3.15 -15.72
N ALA C 292 13.37 2.79 -15.54
CA ALA C 292 13.99 3.06 -14.30
C ALA C 292 14.07 4.54 -14.04
N PHE C 293 14.45 5.28 -15.01
CA PHE C 293 14.55 6.72 -14.80
C PHE C 293 13.14 7.35 -14.51
N SER C 294 12.14 6.89 -15.15
CA SER C 294 10.86 7.34 -14.75
C SER C 294 10.59 7.07 -13.34
N VAL C 295 10.97 5.95 -12.81
CA VAL C 295 10.78 5.60 -11.35
C VAL C 295 11.52 6.63 -10.59
N ILE C 296 12.79 6.82 -10.83
CA ILE C 296 13.61 7.72 -10.12
C ILE C 296 12.98 9.09 -10.02
N LEU C 297 12.57 9.63 -11.09
CA LEU C 297 12.02 10.95 -11.08
C LEU C 297 10.72 11.03 -10.29
N SER C 298 9.95 9.94 -10.25
CA SER C 298 8.80 9.90 -9.39
C SER C 298 9.17 9.95 -7.95
N VAL C 299 10.22 9.31 -7.63
CA VAL C 299 10.65 9.34 -6.24
C VAL C 299 11.17 10.76 -5.85
N VAL C 300 11.84 11.46 -6.77
CA VAL C 300 12.20 12.81 -6.57
C VAL C 300 11.00 13.70 -6.35
N VAL C 301 10.01 13.59 -7.16
CA VAL C 301 8.82 14.39 -7.04
C VAL C 301 8.15 14.12 -5.67
N LEU C 302 8.08 12.92 -5.26
CA LEU C 302 7.48 12.62 -3.96
C LEU C 302 8.30 13.21 -2.85
N ASN C 303 9.62 13.15 -2.97
CA ASN C 303 10.50 13.83 -1.94
C ASN C 303 10.19 15.33 -1.85
N LEU C 304 10.08 15.95 -2.99
CA LEU C 304 9.75 17.39 -3.01
C LEU C 304 8.40 17.69 -2.37
N HIS C 305 7.41 16.86 -2.69
CA HIS C 305 6.04 17.11 -2.20
C HIS C 305 5.99 17.07 -0.69
N HIS C 306 6.73 16.16 -0.03
CA HIS C 306 6.60 15.97 1.35
C HIS C 306 7.64 16.76 2.17
N ARG C 307 8.07 17.89 1.70
CA ARG C 307 9.00 18.75 2.42
C ARG C 307 8.18 19.84 3.19
N SER C 308 8.73 20.32 4.25
CA SER C 308 8.12 21.25 5.16
C SER C 308 9.17 22.14 5.78
N PRO C 309 8.71 23.31 6.38
CA PRO C 309 9.79 24.10 7.07
C PRO C 309 10.54 23.45 8.16
N ASN C 310 9.91 22.44 8.76
CA ASN C 310 10.63 21.78 9.87
C ASN C 310 11.85 20.93 9.37
N THR C 311 11.97 20.65 8.07
CA THR C 311 12.97 19.83 7.51
C THR C 311 13.84 20.57 6.45
N HIS C 312 13.27 21.41 5.64
CA HIS C 312 13.90 22.04 4.48
C HIS C 312 13.67 23.51 4.48
N THR C 313 14.49 24.27 3.88
CA THR C 313 14.35 25.70 3.64
C THR C 313 14.25 25.92 2.12
N MET C 314 13.09 26.45 1.58
CA MET C 314 12.95 26.55 0.20
C MET C 314 13.81 27.62 -0.46
N PRO C 315 14.61 27.25 -1.39
CA PRO C 315 15.59 28.28 -1.88
C PRO C 315 14.88 29.19 -2.87
N ASN C 316 15.59 30.30 -3.17
CA ASN C 316 15.01 31.30 -4.04
C ASN C 316 14.97 30.79 -5.49
N TRP C 317 16.00 30.08 -5.91
CA TRP C 317 16.06 29.66 -7.31
C TRP C 317 14.92 28.66 -7.62
N ILE C 318 14.59 27.74 -6.71
CA ILE C 318 13.53 26.82 -6.91
C ILE C 318 12.23 27.52 -7.07
N ARG C 319 12.00 28.50 -6.26
CA ARG C 319 10.74 29.26 -6.31
C ARG C 319 10.65 30.04 -7.58
N GLN C 320 11.74 30.70 -8.01
CA GLN C 320 11.74 31.51 -9.21
C GLN C 320 11.55 30.65 -10.45
N ILE C 321 12.23 29.51 -10.57
CA ILE C 321 12.16 28.72 -11.76
C ILE C 321 10.86 28.00 -11.88
N PHE C 322 10.39 27.33 -10.85
CA PHE C 322 9.30 26.38 -10.90
C PHE C 322 7.97 26.93 -10.61
N ILE C 323 7.89 28.08 -9.97
CA ILE C 323 6.58 28.68 -9.64
C ILE C 323 6.26 29.90 -10.46
N GLU C 324 7.33 30.73 -10.74
CA GLU C 324 7.10 31.97 -11.44
C GLU C 324 7.20 31.83 -12.95
N THR C 325 8.21 31.10 -13.43
CA THR C 325 8.56 31.12 -14.82
C THR C 325 7.95 29.95 -15.62
N LEU C 326 8.18 28.71 -15.17
CA LEU C 326 7.83 27.59 -16.00
C LEU C 326 6.35 27.42 -16.22
N PRO C 327 5.43 27.62 -15.27
CA PRO C 327 4.08 27.24 -15.49
C PRO C 327 3.49 27.87 -16.74
N PRO C 328 3.56 29.20 -16.94
CA PRO C 328 3.05 29.89 -18.18
C PRO C 328 3.63 29.21 -19.44
N PHE C 329 4.89 28.87 -19.50
CA PHE C 329 5.53 28.19 -20.65
C PHE C 329 4.92 26.83 -20.86
N LEU C 330 4.63 26.10 -19.80
CA LEU C 330 4.10 24.73 -19.87
C LEU C 330 2.60 24.73 -19.92
N TRP C 331 1.96 25.87 -19.83
CA TRP C 331 0.51 25.92 -19.92
C TRP C 331 -0.12 25.19 -18.69
N ILE C 332 0.08 25.76 -17.57
CA ILE C 332 -0.50 25.18 -16.31
C ILE C 332 -1.28 26.24 -15.62
N GLN C 333 -0.70 27.32 -15.20
CA GLN C 333 -1.39 28.57 -14.73
C GLN C 333 -2.50 28.15 -13.75
N ARG C 334 -2.30 27.18 -12.87
CA ARG C 334 -3.15 26.99 -11.72
C ARG C 334 -4.64 26.77 -12.17
N PRO C 398 -14.02 43.03 33.94
CA PRO C 398 -14.35 41.79 34.76
C PRO C 398 -13.21 40.80 34.56
N GLN C 399 -12.67 40.20 35.65
CA GLN C 399 -11.56 39.19 35.56
C GLN C 399 -12.00 38.05 34.72
N ASP C 400 -13.27 37.52 34.95
CA ASP C 400 -13.67 36.37 34.27
C ASP C 400 -13.81 36.62 32.74
N LEU C 401 -14.27 37.77 32.30
CA LEU C 401 -14.32 38.11 30.89
C LEU C 401 -12.93 38.22 30.29
N LYS C 402 -11.95 38.81 30.99
CA LYS C 402 -10.57 38.76 30.51
C LYS C 402 -9.92 37.37 30.33
N GLU C 403 -10.33 36.51 31.30
CA GLU C 403 -9.92 35.09 31.24
C GLU C 403 -10.53 34.39 30.00
N ALA C 404 -11.80 34.61 29.83
CA ALA C 404 -12.43 33.93 28.71
C ALA C 404 -11.96 34.50 27.37
N VAL C 405 -11.65 35.78 27.36
CA VAL C 405 -11.16 36.42 26.10
C VAL C 405 -9.78 35.83 25.80
N GLU C 406 -8.89 35.61 26.87
CA GLU C 406 -7.61 34.97 26.64
C GLU C 406 -7.72 33.59 26.11
N ALA C 407 -8.71 32.84 26.57
CA ALA C 407 -8.92 31.55 26.05
C ALA C 407 -9.39 31.52 24.54
N ILE C 408 -10.29 32.45 24.22
CA ILE C 408 -10.78 32.56 22.88
C ILE C 408 -9.63 32.98 21.95
N LYS C 409 -8.82 33.99 22.40
CA LYS C 409 -7.70 34.52 21.62
C LYS C 409 -6.73 33.37 21.34
N TYR C 410 -6.45 32.51 22.31
CA TYR C 410 -5.56 31.38 22.14
C TYR C 410 -6.08 30.41 21.09
N ILE C 411 -7.39 30.19 21.11
CA ILE C 411 -7.97 29.33 20.16
C ILE C 411 -7.79 29.87 18.75
N ALA C 412 -8.04 31.12 18.56
CA ALA C 412 -7.87 31.75 17.31
C ALA C 412 -6.47 31.68 16.81
N GLU C 413 -5.47 31.99 17.71
CA GLU C 413 -4.04 31.93 17.43
C GLU C 413 -3.62 30.57 16.96
N GLN C 414 -4.13 29.51 17.64
CA GLN C 414 -3.79 28.15 17.21
C GLN C 414 -4.23 27.90 15.81
N LEU C 415 -5.40 28.33 15.49
CA LEU C 415 -5.98 28.18 14.22
C LEU C 415 -5.05 28.80 13.11
N GLU C 416 -4.69 29.99 13.44
CA GLU C 416 -3.94 30.77 12.48
C GLU C 416 -2.59 30.21 12.29
N SER C 417 -1.90 29.72 13.37
CA SER C 417 -0.60 29.10 13.30
C SER C 417 -0.62 27.83 12.42
N ALA C 418 -1.60 27.04 12.57
CA ALA C 418 -1.75 25.91 11.73
C ALA C 418 -1.89 26.31 10.29
N SER C 419 -2.68 27.37 10.00
CA SER C 419 -2.82 27.79 8.67
C SER C 419 -1.54 28.17 8.04
N GLU C 420 -0.71 29.00 8.72
CA GLU C 420 0.59 29.43 8.20
C GLU C 420 1.51 28.25 7.94
N PHE C 421 1.55 27.26 8.88
CA PHE C 421 2.39 26.13 8.64
C PHE C 421 1.98 25.37 7.41
N ASP C 422 0.69 25.25 7.24
CA ASP C 422 0.15 24.51 6.07
C ASP C 422 0.48 25.29 4.81
N ASP C 423 0.45 26.56 4.88
CA ASP C 423 0.74 27.38 3.67
C ASP C 423 2.19 27.14 3.20
N LEU C 424 3.14 27.11 4.09
CA LEU C 424 4.48 26.83 3.64
C LEU C 424 4.59 25.45 3.06
N LYS C 425 4.01 24.47 3.74
CA LYS C 425 4.00 23.15 3.22
C LYS C 425 3.40 23.05 1.86
N LYS C 426 2.33 23.77 1.64
CA LYS C 426 1.65 23.75 0.33
C LYS C 426 2.50 24.39 -0.74
N ASP C 427 3.34 25.40 -0.38
CA ASP C 427 4.28 25.93 -1.38
C ASP C 427 5.22 24.87 -1.80
N TRP C 428 5.73 24.07 -0.90
CA TRP C 428 6.61 22.93 -1.28
C TRP C 428 5.93 21.98 -2.19
N GLN C 429 4.69 21.62 -1.81
CA GLN C 429 4.01 20.64 -2.57
C GLN C 429 3.61 21.23 -3.98
N TYR C 430 3.30 22.48 -4.09
CA TYR C 430 3.10 23.08 -5.39
C TYR C 430 4.34 22.98 -6.28
N VAL C 431 5.49 23.14 -5.72
CA VAL C 431 6.68 22.93 -6.51
C VAL C 431 6.82 21.54 -7.02
N ALA C 432 6.49 20.64 -6.17
CA ALA C 432 6.41 19.19 -6.60
C ALA C 432 5.47 19.01 -7.71
N MET C 433 4.30 19.54 -7.62
CA MET C 433 3.25 19.45 -8.66
C MET C 433 3.74 19.89 -9.99
N VAL C 434 4.33 21.07 -10.12
CA VAL C 434 4.73 21.58 -11.38
C VAL C 434 5.86 20.76 -11.86
N ALA C 435 6.76 20.20 -11.14
CA ALA C 435 7.81 19.38 -11.67
C ALA C 435 7.19 18.11 -12.16
N ASP C 436 6.14 17.53 -11.58
CA ASP C 436 5.53 16.34 -11.98
C ASP C 436 4.91 16.54 -13.30
N ARG C 437 4.23 17.58 -13.60
CA ARG C 437 3.62 17.85 -14.89
C ARG C 437 4.68 17.90 -15.92
N LEU C 438 5.77 18.58 -15.72
CA LEU C 438 6.78 18.78 -16.66
C LEU C 438 7.39 17.37 -17.01
N PHE C 439 7.64 16.48 -16.06
CA PHE C 439 8.14 15.14 -16.27
C PHE C 439 7.19 14.34 -17.05
N LEU C 440 5.87 14.51 -16.87
CA LEU C 440 4.88 13.83 -17.61
C LEU C 440 5.08 14.04 -19.09
N TYR C 441 5.06 15.26 -19.46
CA TYR C 441 5.25 15.59 -20.84
C TYR C 441 6.55 15.14 -21.44
N VAL C 442 7.61 15.36 -20.73
CA VAL C 442 8.90 14.97 -21.25
C VAL C 442 8.97 13.53 -21.50
N PHE C 443 8.56 12.69 -20.57
CA PHE C 443 8.60 11.24 -20.73
C PHE C 443 7.70 10.77 -21.81
N PHE C 444 6.55 11.36 -21.99
CA PHE C 444 5.72 10.96 -23.07
C PHE C 444 6.40 11.18 -24.37
N VAL C 445 7.06 12.30 -24.63
CA VAL C 445 7.74 12.51 -25.85
C VAL C 445 8.84 11.56 -26.06
N ILE C 446 9.62 11.33 -25.07
CA ILE C 446 10.83 10.55 -25.14
C ILE C 446 10.42 9.08 -25.49
N CYS C 447 9.42 8.55 -24.90
CA CYS C 447 9.10 7.14 -25.05
C CYS C 447 8.57 6.95 -26.44
N SER C 448 7.69 7.80 -26.90
CA SER C 448 7.08 7.66 -28.18
C SER C 448 8.20 7.69 -29.24
N ILE C 449 9.10 8.60 -29.24
CA ILE C 449 10.02 8.76 -30.30
C ILE C 449 10.95 7.60 -30.27
N GLY C 450 11.48 7.21 -29.17
CA GLY C 450 12.51 6.17 -29.14
C GLY C 450 11.86 4.87 -29.56
N THR C 451 10.74 4.46 -29.11
CA THR C 451 10.11 3.20 -29.41
C THR C 451 9.96 3.12 -30.90
N PHE C 452 9.37 4.11 -31.50
CA PHE C 452 9.11 4.16 -32.97
C PHE C 452 10.37 3.98 -33.72
N SER C 453 11.36 4.70 -33.36
CA SER C 453 12.61 4.62 -34.19
C SER C 453 13.16 3.21 -34.16
N ILE C 454 13.23 2.67 -32.99
CA ILE C 454 13.81 1.34 -32.80
C ILE C 454 13.07 0.33 -33.60
N PHE C 455 11.70 0.39 -33.53
CA PHE C 455 10.91 -0.60 -34.14
C PHE C 455 11.01 -0.61 -35.67
N LEU C 456 10.97 0.61 -36.26
CA LEU C 456 11.09 0.66 -37.73
C LEU C 456 12.48 0.10 -38.14
N ASP C 457 13.54 0.44 -37.44
CA ASP C 457 14.87 0.04 -37.71
C ASP C 457 14.87 -1.51 -37.67
N ALA C 458 14.25 -2.09 -36.66
CA ALA C 458 14.20 -3.57 -36.58
C ALA C 458 13.40 -4.17 -37.65
N SER C 459 12.31 -3.58 -38.13
CA SER C 459 11.52 -4.21 -39.14
C SER C 459 11.91 -3.88 -40.59
N HIS C 460 12.99 -3.21 -40.68
CA HIS C 460 13.60 -3.08 -42.06
C HIS C 460 14.66 -4.09 -42.24
N LEU D 212 32.76 -9.48 -21.36
CA LEU D 212 31.72 -8.56 -21.83
C LEU D 212 30.33 -9.14 -21.70
N TYR D 213 30.11 -10.38 -22.15
CA TYR D 213 28.80 -11.00 -22.03
C TYR D 213 28.37 -11.04 -20.59
N PHE D 214 29.20 -11.53 -19.68
CA PHE D 214 28.80 -11.65 -18.29
C PHE D 214 28.65 -10.31 -17.64
N VAL D 215 29.53 -9.35 -17.91
CA VAL D 215 29.37 -8.00 -17.38
C VAL D 215 27.94 -7.50 -17.69
N VAL D 216 27.64 -7.37 -18.98
CA VAL D 216 26.42 -6.74 -19.40
C VAL D 216 25.22 -7.48 -18.80
N ASN D 217 25.27 -8.83 -18.91
CA ASN D 217 24.10 -9.62 -18.58
C ASN D 217 23.93 -9.92 -17.16
N VAL D 218 24.91 -9.64 -16.34
CA VAL D 218 24.78 -10.07 -14.89
C VAL D 218 25.06 -8.83 -14.00
N ILE D 219 26.23 -8.23 -14.19
CA ILE D 219 26.69 -7.29 -13.24
C ILE D 219 25.96 -6.00 -13.22
N ILE D 220 25.60 -5.47 -14.41
CA ILE D 220 24.93 -4.23 -14.45
C ILE D 220 23.62 -4.18 -13.76
N PRO D 221 22.66 -5.18 -13.90
CA PRO D 221 21.46 -5.16 -13.13
C PRO D 221 21.68 -5.15 -11.67
N CYS D 222 22.72 -5.82 -11.26
CA CYS D 222 22.96 -5.85 -9.84
C CYS D 222 23.43 -4.48 -9.34
N LEU D 223 24.21 -3.79 -10.14
CA LEU D 223 24.60 -2.42 -9.77
C LEU D 223 23.34 -1.55 -9.61
N LEU D 224 22.37 -1.68 -10.55
CA LEU D 224 21.24 -0.82 -10.49
C LEU D 224 20.46 -1.05 -9.19
N PHE D 225 20.27 -2.29 -8.84
CA PHE D 225 19.51 -2.57 -7.68
C PHE D 225 20.24 -2.12 -6.47
N SER D 226 21.51 -2.20 -6.39
CA SER D 226 22.25 -1.66 -5.26
C SER D 226 22.01 -0.18 -5.10
N PHE D 227 22.09 0.53 -6.16
CA PHE D 227 21.83 1.98 -6.17
C PHE D 227 20.47 2.28 -5.61
N LEU D 228 19.38 1.67 -6.12
CA LEU D 228 18.09 1.94 -5.64
C LEU D 228 17.96 1.72 -4.16
N THR D 229 18.45 0.63 -3.70
CA THR D 229 18.27 0.28 -2.28
C THR D 229 18.91 1.31 -1.46
N GLY D 230 20.06 1.78 -1.91
CA GLY D 230 20.75 2.92 -1.30
C GLY D 230 19.86 4.17 -1.31
N LEU D 231 19.09 4.41 -2.41
CA LEU D 231 18.27 5.61 -2.54
C LEU D 231 17.18 5.64 -1.49
N VAL D 232 16.71 4.52 -1.04
CA VAL D 232 15.56 4.57 -0.12
C VAL D 232 15.73 5.55 1.03
N PHE D 233 16.96 5.88 1.36
CA PHE D 233 17.22 6.69 2.59
C PHE D 233 17.00 8.15 2.35
N TYR D 234 16.78 8.63 1.18
CA TYR D 234 16.42 10.01 0.89
C TYR D 234 14.93 10.26 0.94
N LEU D 235 14.11 9.25 1.13
CA LEU D 235 12.66 9.38 1.12
C LEU D 235 12.23 9.82 2.54
N PRO D 236 11.54 10.97 2.69
CA PRO D 236 11.17 11.37 4.04
C PRO D 236 10.17 10.40 4.66
N THR D 237 10.27 10.24 6.03
CA THR D 237 9.40 9.40 6.73
C THR D 237 7.95 9.94 6.76
N ASP D 238 7.76 11.21 6.60
CA ASP D 238 6.42 11.75 6.61
C ASP D 238 5.57 11.18 5.43
N SER D 239 6.22 10.91 4.28
CA SER D 239 5.59 10.16 3.22
C SER D 239 5.60 8.76 3.63
N GLY D 240 4.49 8.22 4.01
CA GLY D 240 4.46 6.90 4.53
C GLY D 240 4.59 5.90 3.38
N GLU D 241 5.77 5.79 2.89
CA GLU D 241 6.01 4.84 1.80
C GLU D 241 7.39 4.26 1.96
N LYS D 242 8.08 4.38 3.08
CA LYS D 242 9.39 3.77 3.36
C LYS D 242 9.24 2.25 3.26
N MET D 243 8.22 1.68 3.93
CA MET D 243 8.05 0.19 3.86
C MET D 243 7.71 -0.21 2.46
N THR D 244 6.94 0.55 1.62
CA THR D 244 6.64 0.23 0.27
C THR D 244 7.91 0.00 -0.46
N LEU D 245 8.74 1.00 -0.42
CA LEU D 245 9.87 0.99 -1.25
C LEU D 245 10.80 -0.07 -0.80
N SER D 246 11.06 -0.18 0.47
CA SER D 246 12.16 -1.08 0.97
C SER D 246 11.71 -2.51 0.73
N ILE D 247 10.40 -2.91 0.97
CA ILE D 247 10.05 -4.27 0.76
C ILE D 247 9.95 -4.62 -0.70
N SER D 248 9.71 -3.65 -1.49
CA SER D 248 9.70 -4.05 -2.93
C SER D 248 11.12 -4.26 -3.44
N VAL D 249 12.01 -3.50 -2.90
CA VAL D 249 13.44 -3.68 -3.23
C VAL D 249 13.85 -5.05 -2.73
N LEU D 250 13.44 -5.42 -1.54
CA LEU D 250 13.82 -6.75 -1.05
C LEU D 250 13.25 -7.86 -1.93
N LEU D 251 12.09 -7.71 -2.42
CA LEU D 251 11.59 -8.78 -3.25
C LEU D 251 12.27 -8.83 -4.57
N SER D 252 12.72 -7.75 -5.09
CA SER D 252 13.47 -7.71 -6.32
C SER D 252 14.84 -8.39 -6.03
N LEU D 253 15.45 -8.14 -4.93
CA LEU D 253 16.66 -8.79 -4.62
C LEU D 253 16.50 -10.25 -4.50
N THR D 254 15.41 -10.80 -4.03
CA THR D 254 15.24 -12.21 -3.82
C THR D 254 15.11 -12.88 -5.13
N VAL D 255 14.35 -12.26 -5.97
CA VAL D 255 14.17 -12.73 -7.34
C VAL D 255 15.51 -12.80 -8.02
N PHE D 256 16.38 -11.73 -7.86
CA PHE D 256 17.67 -11.76 -8.49
C PHE D 256 18.56 -12.78 -7.91
N LEU D 257 18.34 -13.19 -6.69
CA LEU D 257 19.07 -14.39 -6.20
C LEU D 257 18.72 -15.60 -6.96
N LEU D 258 17.50 -15.76 -7.26
CA LEU D 258 16.95 -16.78 -8.07
C LEU D 258 17.65 -16.76 -9.43
N VAL D 259 17.69 -15.57 -10.03
CA VAL D 259 18.31 -15.34 -11.36
C VAL D 259 19.73 -15.87 -11.31
N ILE D 260 20.53 -15.45 -10.35
CA ILE D 260 21.91 -15.73 -10.29
C ILE D 260 22.10 -17.21 -10.19
N VAL D 261 21.53 -17.95 -9.31
CA VAL D 261 21.55 -19.35 -9.31
C VAL D 261 21.11 -19.99 -10.56
N GLU D 262 20.19 -19.34 -11.26
CA GLU D 262 19.85 -19.80 -12.65
C GLU D 262 20.98 -19.71 -13.63
N LEU D 263 21.78 -18.62 -13.58
CA LEU D 263 22.80 -18.25 -14.52
C LEU D 263 24.22 -18.82 -14.22
N ILE D 264 24.76 -18.47 -13.00
CA ILE D 264 26.16 -18.85 -12.76
C ILE D 264 26.22 -20.42 -12.70
N PRO D 265 27.40 -20.97 -12.94
CA PRO D 265 27.58 -22.38 -12.79
C PRO D 265 27.43 -22.82 -11.33
N SER D 266 27.04 -24.11 -11.32
CA SER D 266 26.81 -24.79 -10.04
C SER D 266 28.01 -25.56 -9.57
N THR D 267 29.27 -25.11 -9.91
CA THR D 267 30.40 -25.78 -9.31
C THR D 267 30.44 -25.70 -7.80
N SER D 268 31.26 -26.44 -7.08
CA SER D 268 31.37 -26.39 -5.59
C SER D 268 32.81 -26.41 -5.18
N SER D 269 33.78 -26.42 -6.14
CA SER D 269 35.21 -26.47 -5.76
C SER D 269 35.54 -25.26 -4.88
N ALA D 270 35.09 -24.09 -5.26
CA ALA D 270 35.58 -22.87 -4.76
C ALA D 270 34.54 -21.80 -4.99
N VAL D 271 34.56 -20.67 -4.21
CA VAL D 271 33.51 -19.60 -4.31
C VAL D 271 33.91 -18.72 -5.48
N PRO D 272 33.14 -18.53 -6.47
CA PRO D 272 33.48 -17.58 -7.52
C PRO D 272 33.44 -16.16 -7.06
N LEU D 273 33.96 -15.28 -7.98
CA LEU D 273 33.89 -13.84 -7.71
C LEU D 273 32.47 -13.38 -7.66
N ILE D 274 31.62 -13.79 -8.59
CA ILE D 274 30.21 -13.42 -8.47
C ILE D 274 29.55 -13.92 -7.18
N GLY D 275 29.93 -15.09 -6.63
CA GLY D 275 29.45 -15.56 -5.41
C GLY D 275 29.76 -14.56 -4.24
N LYS D 276 30.99 -14.17 -4.21
CA LYS D 276 31.41 -13.27 -3.20
C LYS D 276 30.58 -11.93 -3.26
N TYR D 277 30.47 -11.46 -4.47
CA TYR D 277 29.83 -10.20 -4.68
C TYR D 277 28.36 -10.31 -4.33
N MET D 278 27.70 -11.42 -4.66
CA MET D 278 26.29 -11.67 -4.35
C MET D 278 26.05 -11.69 -2.90
N LEU D 279 26.99 -12.28 -2.12
CA LEU D 279 26.84 -12.28 -0.69
C LEU D 279 26.94 -10.92 -0.08
N PHE D 280 27.84 -10.09 -0.70
CA PHE D 280 27.95 -8.76 -0.11
C PHE D 280 26.73 -7.96 -0.45
N THR D 281 26.22 -8.16 -1.60
CA THR D 281 25.03 -7.42 -1.96
C THR D 281 23.84 -7.79 -1.10
N MET D 282 23.69 -9.04 -0.80
CA MET D 282 22.62 -9.48 0.08
C MET D 282 22.74 -8.83 1.51
N ILE D 283 23.96 -8.79 2.02
CA ILE D 283 24.03 -8.13 3.29
C ILE D 283 23.79 -6.66 3.25
N PHE D 284 24.20 -6.07 2.19
CA PHE D 284 23.98 -4.66 1.98
C PHE D 284 22.46 -4.34 2.01
N VAL D 285 21.72 -5.13 1.30
CA VAL D 285 20.25 -4.84 1.23
C VAL D 285 19.61 -5.06 2.54
N ILE D 286 20.00 -6.07 3.22
CA ILE D 286 19.42 -6.40 4.49
C ILE D 286 19.68 -5.26 5.52
N SER D 287 20.93 -4.80 5.61
CA SER D 287 21.20 -3.71 6.48
C SER D 287 20.39 -2.49 6.20
N SER D 288 20.27 -2.22 4.92
CA SER D 288 19.46 -1.07 4.63
C SER D 288 18.02 -1.13 5.14
N ILE D 289 17.43 -2.28 4.87
CA ILE D 289 16.11 -2.48 5.30
C ILE D 289 15.95 -2.40 6.79
N ILE D 290 16.88 -2.94 7.54
CA ILE D 290 16.70 -3.00 8.99
C ILE D 290 16.84 -1.53 9.50
N ILE D 291 17.70 -0.70 8.91
CA ILE D 291 17.91 0.63 9.56
C ILE D 291 16.74 1.45 9.15
N THR D 292 16.17 1.17 8.03
CA THR D 292 14.97 1.96 7.73
C THR D 292 13.85 1.66 8.63
N VAL D 293 13.66 0.46 9.06
CA VAL D 293 12.68 0.13 10.02
C VAL D 293 12.97 0.79 11.31
N VAL D 294 14.22 0.86 11.68
CA VAL D 294 14.65 1.47 12.91
C VAL D 294 14.22 2.92 12.93
N VAL D 295 14.45 3.65 11.85
CA VAL D 295 14.10 5.06 11.83
C VAL D 295 12.64 5.27 12.00
N ILE D 296 11.83 4.47 11.28
CA ILE D 296 10.43 4.61 11.36
C ILE D 296 9.97 4.37 12.83
N ASN D 297 10.52 3.36 13.41
CA ASN D 297 10.17 3.03 14.81
C ASN D 297 10.56 4.15 15.76
N THR D 298 11.73 4.73 15.58
CA THR D 298 12.19 5.90 16.40
C THR D 298 11.20 7.05 16.26
N HIS D 299 10.82 7.35 15.04
CA HIS D 299 9.96 8.54 14.80
C HIS D 299 8.62 8.39 15.54
N HIS D 300 8.04 7.19 15.43
CA HIS D 300 6.76 6.95 16.10
C HIS D 300 6.95 6.39 17.52
N ARG D 301 7.81 7.07 18.26
CA ARG D 301 8.15 6.66 19.60
C ARG D 301 7.24 7.31 20.60
N SER D 302 6.44 6.56 21.36
CA SER D 302 5.45 7.15 22.23
C SER D 302 6.12 7.80 23.43
N PRO D 303 5.78 9.02 23.66
CA PRO D 303 6.37 9.73 24.86
C PRO D 303 5.82 9.17 26.16
N SER D 304 4.65 8.53 26.12
CA SER D 304 4.10 8.05 27.37
C SER D 304 4.99 6.91 27.91
N THR D 305 5.42 6.00 27.03
CA THR D 305 6.15 4.86 27.49
C THR D 305 7.69 5.05 27.34
N HIS D 306 8.17 5.94 26.58
CA HIS D 306 9.58 6.18 26.33
C HIS D 306 9.92 7.60 26.71
N THR D 307 11.16 7.85 27.13
CA THR D 307 11.71 9.19 27.39
C THR D 307 12.98 9.33 26.64
N MET D 308 13.20 10.41 25.81
CA MET D 308 14.32 10.59 24.99
C MET D 308 15.59 10.68 25.89
N PRO D 309 16.51 9.84 25.61
CA PRO D 309 17.76 9.95 26.42
C PRO D 309 18.42 11.30 26.11
N GLN D 310 19.14 11.84 27.14
CA GLN D 310 19.76 13.15 26.96
C GLN D 310 20.81 13.13 25.88
N TRP D 311 21.55 12.02 25.77
CA TRP D 311 22.63 12.01 24.80
C TRP D 311 22.05 11.96 23.36
N VAL D 312 20.90 11.29 23.14
CA VAL D 312 20.23 11.32 21.78
C VAL D 312 19.91 12.71 21.42
N ARG D 313 19.32 13.45 22.34
CA ARG D 313 18.92 14.83 22.02
C ARG D 313 20.14 15.68 21.76
N LYS D 314 21.20 15.50 22.57
CA LYS D 314 22.36 16.33 22.40
C LYS D 314 23.06 16.06 21.07
N ILE D 315 23.12 14.80 20.66
CA ILE D 315 23.92 14.44 19.53
C ILE D 315 23.09 14.72 18.23
N PHE D 316 21.93 14.19 18.12
CA PHE D 316 21.16 14.17 16.84
C PHE D 316 20.34 15.37 16.56
N ILE D 317 20.17 16.33 17.54
CA ILE D 317 19.29 17.43 17.35
C ILE D 317 20.11 18.71 17.32
N ASP D 318 21.21 18.71 18.05
CA ASP D 318 21.96 19.93 18.30
C ASP D 318 23.20 19.98 17.46
N THR D 319 24.05 18.99 17.55
CA THR D 319 25.38 19.05 16.91
C THR D 319 25.39 18.47 15.51
N ILE D 320 24.83 17.26 15.31
CA ILE D 320 24.94 16.60 14.01
C ILE D 320 24.31 17.50 12.89
N PRO D 321 23.13 18.02 12.97
CA PRO D 321 22.62 18.85 11.95
C PRO D 321 23.45 20.05 11.58
N ASN D 322 24.36 20.49 12.47
CA ASN D 322 25.12 21.62 12.19
C ASN D 322 26.28 21.35 11.30
N VAL D 323 26.86 20.09 11.32
CA VAL D 323 28.07 19.67 10.58
C VAL D 323 27.63 19.12 9.21
N MET D 324 26.28 19.16 8.90
CA MET D 324 25.82 18.62 7.61
C MET D 324 25.72 19.84 6.69
N PHE D 325 26.88 20.35 6.24
CA PHE D 325 26.96 21.59 5.47
C PHE D 325 26.30 21.48 4.11
N PHE D 326 26.57 20.39 3.38
CA PHE D 326 26.03 20.19 2.05
C PHE D 326 24.49 20.05 2.10
N SER D 327 23.92 19.73 3.19
CA SER D 327 22.49 19.54 3.21
C SER D 327 21.75 20.81 3.26
N THR D 328 20.42 20.83 2.98
CA THR D 328 19.58 21.96 3.07
C THR D 328 18.53 21.88 4.16
N MET D 329 18.74 20.97 5.12
CA MET D 329 17.77 20.80 6.22
C MET D 329 17.89 21.93 7.23
N LYS D 330 16.79 22.42 7.79
CA LYS D 330 16.75 23.35 8.89
C LYS D 330 17.67 22.99 10.02
N ARG D 331 18.46 23.99 10.55
CA ARG D 331 19.44 23.77 11.64
C ARG D 331 18.89 23.90 13.06
N PRO D 370 -24.58 34.85 36.30
CA PRO D 370 -25.51 34.19 35.39
C PRO D 370 -24.82 33.08 34.55
N ASP D 371 -25.50 32.78 33.40
CA ASP D 371 -24.92 31.88 32.34
C ASP D 371 -23.76 32.63 31.62
N VAL D 372 -23.52 33.87 31.79
CA VAL D 372 -22.34 34.44 31.20
C VAL D 372 -21.08 33.87 31.82
N LYS D 373 -21.14 33.62 33.15
CA LYS D 373 -20.00 32.99 33.81
C LYS D 373 -19.73 31.59 33.23
N SER D 374 -20.82 30.80 33.00
CA SER D 374 -20.63 29.50 32.39
C SER D 374 -20.05 29.60 30.99
N ALA D 375 -20.51 30.59 30.18
CA ALA D 375 -19.91 30.79 28.86
C ALA D 375 -18.43 31.10 28.93
N ILE D 376 -18.08 31.97 29.86
CA ILE D 376 -16.69 32.37 29.97
C ILE D 376 -15.82 31.17 30.39
N GLU D 377 -16.34 30.38 31.33
CA GLU D 377 -15.62 29.15 31.75
C GLU D 377 -15.46 28.18 30.63
N GLY D 378 -16.50 28.04 29.78
CA GLY D 378 -16.40 27.18 28.66
C GLY D 378 -15.33 27.61 27.70
N VAL D 379 -15.31 28.89 27.42
CA VAL D 379 -14.29 29.42 26.54
C VAL D 379 -12.90 29.20 27.06
N LYS D 380 -12.74 29.40 28.42
CA LYS D 380 -11.44 29.20 29.03
C LYS D 380 -11.03 27.73 28.93
N TYR D 381 -12.01 26.82 29.11
CA TYR D 381 -11.69 25.40 29.00
C TYR D 381 -11.25 25.06 27.57
N ILE D 382 -11.91 25.62 26.58
CA ILE D 382 -11.50 25.32 25.20
C ILE D 382 -10.09 25.82 24.98
N ALA D 383 -9.77 27.02 25.44
CA ALA D 383 -8.43 27.56 25.25
C ALA D 383 -7.38 26.71 25.93
N GLU D 384 -7.62 26.29 27.19
CA GLU D 384 -6.60 25.51 27.90
C GLU D 384 -6.45 24.12 27.27
N HIS D 385 -7.54 23.53 26.78
CA HIS D 385 -7.42 22.26 26.05
C HIS D 385 -6.58 22.42 24.82
N MET D 386 -6.76 23.53 24.11
CA MET D 386 -5.90 23.81 22.96
C MET D 386 -4.45 23.94 23.38
N LYS D 387 -4.17 24.57 24.52
CA LYS D 387 -2.83 24.63 25.03
C LYS D 387 -2.24 23.26 25.20
N SER D 388 -2.95 22.41 25.92
CA SER D 388 -2.44 21.05 26.18
C SER D 388 -2.25 20.27 24.87
N ASP D 389 -3.15 20.41 23.93
CA ASP D 389 -2.96 19.71 22.64
C ASP D 389 -1.72 20.22 21.92
N GLU D 390 -1.50 21.49 22.00
CA GLU D 390 -0.28 22.06 21.37
C GLU D 390 0.99 21.51 22.06
N GLU D 391 1.00 21.42 23.34
CA GLU D 391 2.14 20.79 24.06
C GLU D 391 2.39 19.41 23.64
N SER D 392 1.38 18.55 23.55
CA SER D 392 1.51 17.20 23.07
C SER D 392 2.06 17.14 21.62
N SER D 393 1.47 17.96 20.82
CA SER D 393 1.96 18.06 19.43
C SER D 393 3.38 18.48 19.30
N ASN D 394 3.86 19.41 20.21
CA ASN D 394 5.28 19.80 20.23
C ASN D 394 6.15 18.60 20.51
N ALA D 395 5.78 17.82 21.49
CA ALA D 395 6.63 16.63 21.77
C ALA D 395 6.64 15.69 20.57
N ALA D 396 5.56 15.44 19.94
CA ALA D 396 5.53 14.62 18.75
C ALA D 396 6.36 15.20 17.61
N GLU D 397 6.26 16.47 17.47
CA GLU D 397 7.07 17.14 16.38
C GLU D 397 8.59 17.02 16.71
N GLU D 398 8.98 17.06 18.02
CA GLU D 398 10.37 16.84 18.32
C GLU D 398 10.82 15.41 17.91
N TRP D 399 9.97 14.47 18.08
CA TRP D 399 10.34 13.17 17.66
C TRP D 399 10.50 13.10 16.10
N LYS D 400 9.58 13.71 15.45
CA LYS D 400 9.67 13.75 13.97
C LYS D 400 10.90 14.50 13.47
N TYR D 401 11.29 15.55 14.12
CA TYR D 401 12.48 16.27 13.79
C TYR D 401 13.73 15.41 13.96
N VAL D 402 13.78 14.64 15.01
CA VAL D 402 14.89 13.74 15.26
C VAL D 402 14.96 12.71 14.14
N ALA D 403 13.84 12.21 13.71
CA ALA D 403 13.82 11.23 12.60
C ALA D 403 14.37 11.84 11.36
N MET D 404 13.98 13.04 11.06
CA MET D 404 14.44 13.67 9.86
C MET D 404 15.93 13.89 9.85
N VAL D 405 16.47 14.33 10.96
CA VAL D 405 17.88 14.61 10.97
C VAL D 405 18.64 13.24 10.94
N ILE D 406 18.12 12.18 11.44
CA ILE D 406 18.69 10.81 11.26
C ILE D 406 18.65 10.40 9.80
N ASP D 407 17.60 10.73 9.07
CA ASP D 407 17.62 10.40 7.69
C ASP D 407 18.70 11.09 6.94
N HIS D 408 18.91 12.38 7.12
CA HIS D 408 19.95 13.06 6.47
C HIS D 408 21.30 12.42 6.70
N ILE D 409 21.64 12.19 8.03
CA ILE D 409 22.88 11.65 8.37
C ILE D 409 23.03 10.28 7.74
N LEU D 410 22.05 9.43 7.81
CA LEU D 410 22.09 8.07 7.22
C LEU D 410 22.24 8.11 5.69
N LEU D 411 21.68 9.11 5.01
CA LEU D 411 21.89 9.20 3.61
C LEU D 411 23.35 9.40 3.23
N CYS D 412 23.98 10.23 3.99
CA CYS D 412 25.42 10.42 3.79
C CYS D 412 26.11 9.14 4.04
N VAL D 413 25.88 8.57 5.25
CA VAL D 413 26.61 7.44 5.72
C VAL D 413 26.43 6.26 4.74
N PHE D 414 25.25 6.04 4.24
CA PHE D 414 25.03 4.84 3.39
C PHE D 414 25.59 5.03 1.99
N MET D 415 25.70 6.19 1.49
CA MET D 415 26.46 6.40 0.25
C MET D 415 27.90 6.03 0.50
N LEU D 416 28.43 6.49 1.57
CA LEU D 416 29.86 6.13 1.92
C LEU D 416 30.01 4.66 2.02
N ILE D 417 29.17 3.99 2.73
CA ILE D 417 29.30 2.49 2.89
C ILE D 417 29.14 1.77 1.55
N CYS D 418 28.22 2.23 0.72
CA CYS D 418 28.13 1.53 -0.53
C CYS D 418 29.41 1.67 -1.34
N ILE D 419 30.00 2.82 -1.38
CA ILE D 419 31.24 3.02 -2.09
C ILE D 419 32.36 2.11 -1.52
N ILE D 420 32.49 2.13 -0.20
CA ILE D 420 33.64 1.48 0.37
C ILE D 420 33.58 0.04 0.10
N GLY D 421 32.36 -0.53 0.33
CA GLY D 421 32.32 -1.92 0.17
C GLY D 421 32.50 -2.36 -1.22
N THR D 422 31.99 -1.58 -2.14
CA THR D 422 31.98 -1.87 -3.58
C THR D 422 33.49 -1.87 -3.95
N VAL D 423 34.25 -0.90 -3.59
CA VAL D 423 35.62 -0.89 -4.07
C VAL D 423 36.41 -2.06 -3.53
N SER D 424 36.07 -2.42 -2.30
CA SER D 424 36.94 -3.44 -1.70
C SER D 424 36.68 -4.78 -2.32
N VAL D 425 35.41 -5.17 -2.64
CA VAL D 425 35.03 -6.45 -3.08
C VAL D 425 35.76 -6.77 -4.37
N PHE D 426 35.96 -5.74 -5.19
CA PHE D 426 36.25 -6.03 -6.65
C PHE D 426 37.63 -5.53 -7.03
N ALA D 427 38.27 -4.65 -6.30
CA ALA D 427 39.45 -4.07 -6.82
C ALA D 427 40.60 -5.10 -6.96
N GLY D 428 40.66 -6.02 -6.02
CA GLY D 428 41.64 -7.02 -6.10
C GLY D 428 41.61 -7.80 -7.39
N ARG D 429 40.50 -8.33 -7.73
CA ARG D 429 40.35 -9.10 -8.93
C ARG D 429 40.51 -8.28 -10.19
N LEU D 430 40.01 -7.06 -10.22
CA LEU D 430 40.25 -6.17 -11.37
C LEU D 430 41.69 -5.95 -11.60
N ILE D 431 42.49 -5.75 -10.62
CA ILE D 431 43.85 -5.49 -10.85
C ILE D 431 44.52 -6.75 -11.25
N GLU D 432 44.07 -7.90 -10.69
CA GLU D 432 44.63 -9.10 -11.18
C GLU D 432 44.55 -9.32 -12.72
N LEU D 433 43.55 -8.86 -13.35
CA LEU D 433 43.39 -8.96 -14.84
C LEU D 433 44.06 -7.85 -15.51
N LEU E 220 29.73 -28.19 1.97
CA LEU E 220 30.08 -26.76 1.67
C LEU E 220 29.21 -26.24 0.52
N PHE E 221 28.98 -27.08 -0.50
CA PHE E 221 28.15 -26.63 -1.60
C PHE E 221 26.73 -26.30 -1.10
N TYR E 222 26.14 -27.19 -0.30
CA TYR E 222 24.81 -26.94 0.19
C TYR E 222 24.77 -25.74 1.16
N ILE E 223 25.80 -25.57 1.95
CA ILE E 223 25.85 -24.48 2.89
C ILE E 223 25.89 -23.15 2.14
N ILE E 224 26.68 -23.03 1.10
CA ILE E 224 26.90 -21.78 0.41
C ILE E 224 25.74 -21.46 -0.56
N ASN E 225 25.15 -22.53 -1.14
CA ASN E 225 24.17 -22.24 -2.14
C ASN E 225 22.76 -22.31 -1.73
N ILE E 226 22.49 -23.08 -0.61
CA ILE E 226 21.07 -23.25 -0.21
C ILE E 226 20.93 -22.82 1.17
N ILE E 227 21.68 -23.33 2.12
CA ILE E 227 21.41 -23.12 3.51
C ILE E 227 21.54 -21.62 3.86
N ALA E 228 22.67 -20.98 3.61
CA ALA E 228 22.94 -19.64 4.01
C ALA E 228 21.92 -18.67 3.32
N PRO E 229 21.64 -18.69 2.03
CA PRO E 229 20.67 -17.83 1.47
C PRO E 229 19.32 -18.05 2.02
N CYS E 230 18.91 -19.24 2.26
CA CYS E 230 17.65 -19.46 2.89
C CYS E 230 17.51 -18.94 4.26
N VAL E 231 18.55 -19.06 5.03
CA VAL E 231 18.55 -18.62 6.47
C VAL E 231 18.50 -17.16 6.49
N LEU E 232 19.19 -16.41 5.55
CA LEU E 232 19.22 -15.01 5.63
C LEU E 232 17.86 -14.49 5.40
N ILE E 233 17.23 -15.07 4.32
CA ILE E 233 15.89 -14.54 4.00
C ILE E 233 14.97 -14.84 5.13
N SER E 234 15.04 -15.97 5.73
CA SER E 234 14.01 -16.37 6.67
C SER E 234 14.18 -15.57 7.93
N SER E 235 15.34 -15.12 8.27
CA SER E 235 15.59 -14.39 9.53
C SER E 235 14.87 -13.00 9.39
N LEU E 236 14.45 -12.52 8.27
CA LEU E 236 13.82 -11.26 8.14
C LEU E 236 12.47 -11.26 8.91
N VAL E 237 11.92 -12.35 9.27
CA VAL E 237 10.57 -12.25 9.89
C VAL E 237 10.64 -11.69 11.26
N VAL E 238 11.77 -11.65 11.85
CA VAL E 238 11.93 -11.13 13.25
C VAL E 238 11.94 -9.61 13.23
N LEU E 239 12.01 -8.96 12.08
CA LEU E 239 11.96 -7.49 11.99
C LEU E 239 10.62 -6.95 12.22
N VAL E 240 9.57 -7.75 12.09
CA VAL E 240 8.25 -7.15 12.15
C VAL E 240 7.94 -6.63 13.59
N TYR E 241 8.69 -7.04 14.54
CA TYR E 241 8.44 -6.63 15.94
C TYR E 241 8.95 -5.27 16.25
N PHE E 242 9.69 -4.61 15.39
CA PHE E 242 10.12 -3.30 15.59
C PHE E 242 9.35 -2.29 14.68
N LEU E 243 8.29 -2.75 13.95
CA LEU E 243 7.39 -1.84 13.29
C LEU E 243 6.28 -1.41 14.19
N PRO E 244 5.83 -0.18 13.97
CA PRO E 244 4.74 0.31 14.91
C PRO E 244 3.47 -0.44 14.68
N ALA E 245 2.66 -0.58 15.67
CA ALA E 245 1.42 -1.33 15.66
C ALA E 245 0.29 -0.34 15.60
N GLN E 246 0.23 0.36 14.43
CA GLN E 246 -0.90 1.20 14.15
C GLN E 246 -0.97 1.33 12.64
N ALA E 247 -2.05 1.87 12.06
CA ALA E 247 -2.16 2.13 10.63
C ALA E 247 -0.89 2.95 10.24
N GLY E 248 -0.35 2.42 9.06
CA GLY E 248 0.93 3.02 8.56
C GLY E 248 2.20 2.24 8.99
N GLY E 249 1.83 1.35 9.94
CA GLY E 249 3.01 0.53 10.37
C GLY E 249 3.30 -0.45 9.32
N GLN E 250 2.29 -1.13 8.69
CA GLN E 250 2.44 -2.07 7.59
C GLN E 250 3.18 -3.34 8.11
N LYS E 251 2.59 -3.78 9.17
CA LYS E 251 3.04 -5.14 9.66
C LYS E 251 2.63 -6.20 8.71
N CYS E 252 1.42 -6.21 8.27
CA CYS E 252 0.92 -7.18 7.32
C CYS E 252 1.55 -7.13 5.99
N THR E 253 1.92 -5.91 5.45
CA THR E 253 2.63 -5.80 4.19
C THR E 253 3.95 -6.50 4.24
N LEU E 254 4.67 -6.25 5.25
CA LEU E 254 5.96 -6.83 5.36
C LEU E 254 5.98 -8.30 5.54
N SER E 255 5.14 -8.78 6.50
CA SER E 255 5.03 -10.18 6.88
C SER E 255 4.56 -11.01 5.66
N ILE E 256 3.47 -10.60 4.98
CA ILE E 256 3.03 -11.32 3.78
C ILE E 256 3.97 -11.33 2.63
N SER E 257 4.77 -10.32 2.51
CA SER E 257 5.84 -10.38 1.57
C SER E 257 6.90 -11.35 1.96
N VAL E 258 7.33 -11.41 3.18
CA VAL E 258 8.25 -12.44 3.65
C VAL E 258 7.72 -13.80 3.48
N LEU E 259 6.41 -14.03 3.62
CA LEU E 259 5.85 -15.29 3.39
C LEU E 259 5.92 -15.69 1.90
N LEU E 260 5.80 -14.74 1.04
CA LEU E 260 5.93 -14.97 -0.40
C LEU E 260 7.40 -15.38 -0.74
N ALA E 261 8.36 -14.83 -0.08
CA ALA E 261 9.67 -15.29 -0.32
C ALA E 261 9.83 -16.66 0.18
N GLN E 262 9.23 -17.01 1.31
CA GLN E 262 9.30 -18.39 1.80
C GLN E 262 8.71 -19.40 0.86
N THR E 263 7.60 -18.99 0.16
CA THR E 263 7.07 -19.88 -0.86
C THR E 263 8.06 -20.11 -1.96
N ILE E 264 8.76 -19.10 -2.33
CA ILE E 264 9.81 -19.16 -3.41
C ILE E 264 10.84 -20.21 -2.94
N PHE E 265 11.17 -20.19 -1.65
CA PHE E 265 12.17 -21.15 -1.12
C PHE E 265 11.64 -22.56 -1.23
N LEU E 266 10.33 -22.64 -0.98
CA LEU E 266 9.85 -24.07 -1.11
C LEU E 266 10.01 -24.55 -2.55
N PHE E 267 9.66 -23.77 -3.52
CA PHE E 267 9.90 -24.15 -4.88
C PHE E 267 11.33 -24.45 -5.18
N LEU E 268 12.21 -23.64 -4.58
CA LEU E 268 13.66 -23.81 -4.79
C LEU E 268 14.12 -25.14 -4.30
N ILE E 269 13.67 -25.57 -3.17
CA ILE E 269 14.07 -26.85 -2.64
C ILE E 269 13.49 -28.05 -3.32
N ALA E 270 12.36 -27.95 -3.92
CA ALA E 270 11.82 -29.06 -4.66
C ALA E 270 12.74 -29.56 -5.73
N GLN E 271 13.64 -28.68 -6.30
CA GLN E 271 14.62 -28.97 -7.33
C GLN E 271 15.88 -29.64 -6.94
N LYS E 272 16.22 -29.73 -5.61
CA LYS E 272 17.39 -30.35 -5.11
C LYS E 272 17.21 -31.66 -4.43
N VAL E 273 16.09 -31.96 -3.84
CA VAL E 273 16.03 -33.25 -3.11
C VAL E 273 15.74 -34.41 -4.01
N PRO E 274 16.13 -35.58 -3.53
CA PRO E 274 15.88 -36.79 -4.28
C PRO E 274 14.47 -37.10 -4.53
N GLU E 275 14.18 -37.81 -5.67
CA GLU E 275 12.85 -38.09 -6.17
C GLU E 275 12.12 -39.30 -5.50
N THR E 276 12.70 -39.95 -4.59
CA THR E 276 11.95 -41.04 -3.91
C THR E 276 10.91 -40.48 -3.00
N SER E 277 9.74 -41.03 -2.82
CA SER E 277 8.56 -40.47 -2.04
C SER E 277 8.14 -41.31 -0.91
N LEU E 278 9.13 -41.84 -0.24
CA LEU E 278 8.78 -42.62 1.00
C LEU E 278 8.97 -41.84 2.24
N ASN E 279 9.76 -40.79 2.23
CA ASN E 279 9.96 -39.95 3.43
C ASN E 279 10.20 -38.53 2.97
N VAL E 280 9.92 -37.57 3.81
CA VAL E 280 10.34 -36.24 3.69
C VAL E 280 11.73 -36.02 4.16
N PRO E 281 12.57 -35.35 3.31
CA PRO E 281 13.94 -35.10 3.77
C PRO E 281 13.92 -34.08 4.95
N LEU E 282 15.04 -34.19 5.64
CA LEU E 282 15.28 -33.34 6.80
C LEU E 282 15.22 -31.93 6.38
N ILE E 283 15.80 -31.48 5.33
CA ILE E 283 15.77 -30.10 4.94
C ILE E 283 14.33 -29.64 4.63
N GLY E 284 13.54 -30.42 4.00
CA GLY E 284 12.17 -30.12 3.78
C GLY E 284 11.38 -29.98 5.07
N LYS E 285 11.61 -30.83 6.12
CA LYS E 285 11.04 -30.69 7.41
C LYS E 285 11.37 -29.34 7.94
N TYR E 286 12.64 -28.92 7.93
CA TYR E 286 13.07 -27.68 8.46
C TYR E 286 12.43 -26.54 7.79
N LEU E 287 12.32 -26.54 6.44
CA LEU E 287 11.64 -25.49 5.72
C LEU E 287 10.20 -25.36 6.18
N ILE E 288 9.52 -26.44 6.31
CA ILE E 288 8.12 -26.42 6.79
C ILE E 288 8.07 -25.78 8.17
N PHE E 289 8.98 -26.12 9.05
CA PHE E 289 8.96 -25.58 10.37
C PHE E 289 9.15 -24.09 10.34
N VAL E 290 10.14 -23.62 9.59
CA VAL E 290 10.39 -22.15 9.63
C VAL E 290 9.30 -21.41 8.97
N MET E 291 8.70 -21.94 7.91
CA MET E 291 7.57 -21.29 7.25
C MET E 291 6.45 -21.14 8.23
N PHE E 292 6.16 -22.13 8.99
CA PHE E 292 5.07 -22.11 9.97
C PHE E 292 5.38 -21.12 11.05
N VAL E 293 6.57 -20.95 11.51
CA VAL E 293 6.89 -19.97 12.54
C VAL E 293 6.73 -18.63 11.97
N SER E 294 7.08 -18.30 10.76
CA SER E 294 6.86 -17.07 10.14
C SER E 294 5.43 -16.76 9.99
N MET E 295 4.64 -17.75 9.65
CA MET E 295 3.22 -17.51 9.57
C MET E 295 2.65 -17.12 10.92
N LEU E 296 3.05 -17.75 12.01
CA LEU E 296 2.61 -17.39 13.33
C LEU E 296 2.94 -15.98 13.62
N ILE E 297 4.07 -15.48 13.26
CA ILE E 297 4.43 -14.11 13.59
C ILE E 297 3.66 -13.13 12.68
N VAL E 298 3.30 -13.43 11.50
CA VAL E 298 2.43 -12.58 10.74
C VAL E 298 1.07 -12.56 11.39
N MET E 299 0.54 -13.64 11.89
CA MET E 299 -0.69 -13.66 12.59
C MET E 299 -0.64 -12.76 13.80
N ASN E 300 0.46 -12.74 14.46
CA ASN E 300 0.56 -11.99 15.77
C ASN E 300 0.62 -10.46 15.37
N CYS E 301 1.15 -10.14 14.20
CA CYS E 301 1.24 -8.71 13.84
C CYS E 301 -0.20 -8.20 13.56
N VAL E 302 -0.89 -9.11 12.93
CA VAL E 302 -2.27 -8.76 12.55
C VAL E 302 -3.10 -8.60 13.85
N ILE E 303 -2.90 -9.47 14.80
CA ILE E 303 -3.63 -9.41 16.07
C ILE E 303 -3.27 -8.11 16.81
N VAL E 304 -1.99 -7.70 16.79
CA VAL E 304 -1.59 -6.44 17.43
C VAL E 304 -2.30 -5.25 16.75
N LEU E 305 -2.36 -5.23 15.45
CA LEU E 305 -3.08 -4.19 14.80
C LEU E 305 -4.50 -4.15 15.15
N ASN E 306 -5.16 -5.28 15.24
CA ASN E 306 -6.50 -5.35 15.71
C ASN E 306 -6.68 -4.85 17.12
N VAL E 307 -5.70 -5.18 18.02
CA VAL E 307 -5.80 -4.78 19.44
C VAL E 307 -5.57 -3.23 19.56
N SER E 308 -4.63 -2.65 18.85
CA SER E 308 -4.30 -1.29 19.02
C SER E 308 -5.37 -0.34 18.47
N LEU E 309 -6.17 -0.78 17.48
CA LEU E 309 -7.20 0.03 16.93
C LEU E 309 -8.57 -0.18 17.49
N ARG E 310 -8.61 -0.66 18.69
CA ARG E 310 -9.87 -0.96 19.30
C ARG E 310 -10.52 0.27 19.81
N THR E 311 -11.88 0.28 19.95
CA THR E 311 -12.64 1.38 20.51
C THR E 311 -13.69 0.93 21.51
N PRO E 312 -14.09 1.73 22.45
CA PRO E 312 -14.99 1.22 23.57
C PRO E 312 -16.25 0.68 23.00
N ASN E 313 -16.56 1.00 21.82
CA ASN E 313 -17.81 0.66 21.12
C ASN E 313 -17.82 -0.65 20.42
N THR E 314 -16.74 -0.95 19.65
CA THR E 314 -16.59 -2.21 19.02
C THR E 314 -16.20 -3.31 20.01
N HIS E 315 -15.28 -2.96 20.93
CA HIS E 315 -14.74 -3.99 21.87
C HIS E 315 -14.84 -3.35 23.29
N SER E 316 -14.28 -4.22 24.19
CA SER E 316 -14.34 -3.93 25.55
C SER E 316 -12.98 -4.37 26.09
N LEU E 317 -12.36 -3.36 26.63
CA LEU E 317 -11.05 -3.42 27.23
C LEU E 317 -11.20 -3.98 28.66
N SER E 318 -11.09 -5.32 28.75
CA SER E 318 -11.28 -5.93 30.09
C SER E 318 -10.15 -5.48 31.04
N GLU E 319 -10.51 -5.31 32.30
CA GLU E 319 -9.54 -4.83 33.26
C GLU E 319 -8.38 -5.86 33.46
N LYS E 320 -8.61 -7.07 33.09
CA LYS E 320 -7.57 -8.08 33.11
C LYS E 320 -6.38 -7.63 32.27
N ILE E 321 -6.67 -7.26 31.01
CA ILE E 321 -5.66 -6.82 30.06
C ILE E 321 -4.97 -5.52 30.58
N LYS E 322 -5.79 -4.69 31.11
CA LYS E 322 -5.24 -3.43 31.65
C LYS E 322 -4.25 -3.66 32.75
N HIS E 323 -4.58 -4.60 33.69
CA HIS E 323 -3.63 -4.94 34.80
C HIS E 323 -2.41 -5.56 34.21
N LEU E 324 -2.56 -6.50 33.29
CA LEU E 324 -1.37 -7.21 32.82
C LEU E 324 -0.41 -6.23 32.15
N PHE E 325 -0.90 -5.35 31.31
CA PHE E 325 -0.08 -4.52 30.45
C PHE E 325 0.21 -3.11 31.07
N LEU E 326 -0.86 -2.40 31.49
CA LEU E 326 -0.69 -1.11 32.12
C LEU E 326 -0.23 -1.27 33.63
N GLY E 327 -0.03 -2.50 34.08
CA GLY E 327 0.45 -2.76 35.46
C GLY E 327 1.85 -3.28 35.43
N PHE E 328 2.00 -4.55 35.52
CA PHE E 328 3.27 -5.21 35.63
C PHE E 328 4.25 -4.62 34.54
N LEU E 329 3.83 -4.63 33.27
CA LEU E 329 4.59 -4.13 32.17
C LEU E 329 4.34 -2.64 32.04
N ALA E 410 -28.84 41.49 27.38
CA ALA E 410 -29.35 41.45 26.00
C ALA E 410 -29.46 40.02 25.43
N PRO E 411 -30.39 39.70 24.53
CA PRO E 411 -30.49 38.29 24.07
C PRO E 411 -29.17 37.88 23.38
N GLU E 412 -28.39 38.76 22.75
CA GLU E 412 -27.12 38.41 22.12
C GLU E 412 -26.18 37.85 23.19
N ILE E 413 -26.17 38.42 24.41
CA ILE E 413 -25.28 37.87 25.46
C ILE E 413 -25.69 36.48 25.85
N LYS E 414 -26.97 36.25 25.92
CA LYS E 414 -27.39 34.89 26.40
C LYS E 414 -27.07 33.90 25.25
N SER E 415 -27.30 34.25 23.98
CA SER E 415 -27.01 33.31 22.92
C SER E 415 -25.48 33.06 22.78
N CYS E 416 -24.68 34.10 22.99
CA CYS E 416 -23.21 33.93 22.99
C CYS E 416 -22.74 33.00 24.08
N VAL E 417 -23.26 33.19 25.29
CA VAL E 417 -22.81 32.30 26.38
C VAL E 417 -23.26 30.88 26.12
N GLU E 418 -24.47 30.71 25.60
CA GLU E 418 -24.94 29.37 25.27
C GLU E 418 -24.07 28.72 24.20
N ALA E 419 -23.67 29.52 23.18
CA ALA E 419 -22.86 28.91 22.16
C ALA E 419 -21.47 28.57 22.66
N CYS E 420 -20.87 29.41 23.58
CA CYS E 420 -19.56 29.09 24.16
C CYS E 420 -19.64 27.85 24.93
N ASN E 421 -20.71 27.67 25.78
CA ASN E 421 -20.87 26.47 26.58
C ASN E 421 -20.98 25.25 25.69
N PHE E 422 -21.76 25.35 24.63
CA PHE E 422 -21.90 24.21 23.74
C PHE E 422 -20.57 23.86 23.05
N ILE E 423 -19.80 24.87 22.67
CA ILE E 423 -18.50 24.65 22.05
C ILE E 423 -17.58 23.90 22.99
N ALA E 424 -17.50 24.36 24.28
CA ALA E 424 -16.68 23.68 25.24
C ALA E 424 -17.16 22.22 25.44
N LYS E 425 -18.46 22.02 25.49
CA LYS E 425 -18.98 20.66 25.73
C LYS E 425 -18.59 19.71 24.61
N SER E 426 -18.73 20.21 23.34
CA SER E 426 -18.36 19.38 22.18
C SER E 426 -16.85 19.06 22.22
N THR E 427 -16.04 20.01 22.55
CA THR E 427 -14.61 19.73 22.65
C THR E 427 -14.35 18.66 23.71
N LYS E 428 -15.02 18.76 24.86
CA LYS E 428 -14.88 17.77 25.93
C LYS E 428 -15.25 16.35 25.44
N GLU E 429 -16.34 16.24 24.74
CA GLU E 429 -16.76 14.93 24.26
C GLU E 429 -15.74 14.32 23.33
N GLN E 430 -15.30 15.13 22.39
CA GLN E 430 -14.30 14.64 21.43
C GLN E 430 -13.04 14.20 22.14
N ASN E 431 -12.54 14.99 23.09
CA ASN E 431 -11.37 14.61 23.85
C ASN E 431 -11.57 13.27 24.60
N ASP E 432 -12.77 13.02 25.24
CA ASP E 432 -12.97 11.72 25.88
C ASP E 432 -12.81 10.55 24.94
N SER E 433 -13.47 10.65 23.82
CA SER E 433 -13.37 9.57 22.91
C SER E 433 -11.96 9.31 22.57
N GLY E 434 -11.25 10.39 22.25
CA GLY E 434 -9.83 10.25 21.84
C GLY E 434 -9.08 9.53 22.94
N SER E 435 -9.25 10.00 24.23
CA SER E 435 -8.50 9.43 25.39
C SER E 435 -8.61 7.88 25.41
N GLU E 436 -9.77 7.39 25.24
CA GLU E 436 -9.90 5.97 25.16
C GLU E 436 -9.03 5.36 24.08
N ASN E 437 -9.09 6.00 22.96
CA ASN E 437 -8.24 5.54 21.80
C ASN E 437 -6.74 5.51 22.16
N GLU E 438 -6.23 6.56 22.79
CA GLU E 438 -4.82 6.52 23.13
C GLU E 438 -4.53 5.44 24.15
N ASN E 439 -5.45 5.14 25.10
CA ASN E 439 -5.23 3.99 25.96
C ASN E 439 -5.00 2.73 25.14
N TRP E 440 -5.80 2.48 24.16
CA TRP E 440 -5.62 1.31 23.33
C TRP E 440 -4.27 1.30 22.49
N VAL E 441 -3.86 2.46 22.17
CA VAL E 441 -2.51 2.56 21.49
C VAL E 441 -1.42 2.23 22.42
N LEU E 442 -1.47 2.68 23.67
CA LEU E 442 -0.45 2.33 24.61
C LEU E 442 -0.41 0.84 24.93
N ILE E 443 -1.55 0.20 25.02
CA ILE E 443 -1.57 -1.28 25.15
C ILE E 443 -0.86 -1.92 23.95
N GLY E 444 -1.10 -1.42 22.78
CA GLY E 444 -0.44 -1.99 21.67
C GLY E 444 1.08 -1.91 21.73
N LYS E 445 1.62 -0.80 22.18
CA LYS E 445 3.00 -0.63 22.34
C LYS E 445 3.63 -1.58 23.43
N VAL E 446 2.98 -1.78 24.50
CA VAL E 446 3.39 -2.79 25.49
C VAL E 446 3.48 -4.12 24.85
N ILE E 447 2.41 -4.53 24.06
CA ILE E 447 2.41 -5.82 23.44
C ILE E 447 3.61 -5.92 22.45
N ASP E 448 4.00 -4.86 21.79
CA ASP E 448 5.13 -4.91 20.95
C ASP E 448 6.40 -5.33 21.67
N LYS E 449 6.67 -4.76 22.79
CA LYS E 449 7.84 -5.10 23.52
C LYS E 449 7.81 -6.54 23.90
N ALA E 450 6.74 -7.01 24.51
CA ALA E 450 6.64 -8.33 25.04
C ALA E 450 6.81 -9.34 23.85
N CYS E 451 6.09 -9.16 22.78
CA CYS E 451 6.15 -10.10 21.63
C CYS E 451 7.50 -10.05 20.98
N PHE E 452 8.20 -8.97 20.96
CA PHE E 452 9.54 -8.90 20.46
C PHE E 452 10.43 -9.86 21.22
N TRP E 453 10.37 -9.86 22.53
CA TRP E 453 11.23 -10.72 23.24
C TRP E 453 10.87 -12.17 23.02
N ILE E 454 9.63 -12.50 22.93
CA ILE E 454 9.22 -13.87 22.74
C ILE E 454 9.74 -14.30 21.38
N ALA E 455 9.60 -13.58 20.32
CA ALA E 455 9.95 -13.96 19.01
C ALA E 455 11.41 -14.11 18.83
N LEU E 456 12.21 -13.19 19.45
CA LEU E 456 13.65 -13.36 19.37
C LEU E 456 14.09 -14.64 19.94
N LEU E 457 13.61 -14.99 21.09
CA LEU E 457 14.04 -16.16 21.72
C LEU E 457 13.68 -17.37 20.94
N LEU E 458 12.43 -17.49 20.56
CA LEU E 458 11.99 -18.60 19.79
C LEU E 458 12.81 -18.78 18.52
N PHE E 459 13.02 -17.79 17.74
CA PHE E 459 13.69 -18.02 16.44
C PHE E 459 15.10 -18.47 16.67
N SER E 460 15.82 -17.80 17.54
CA SER E 460 17.19 -18.19 17.71
C SER E 460 17.33 -19.62 18.13
N ILE E 461 16.54 -19.99 19.16
CA ILE E 461 16.75 -21.25 19.70
C ILE E 461 16.51 -22.26 18.63
N GLY E 462 15.35 -22.21 17.95
CA GLY E 462 14.85 -23.14 16.97
C GLY E 462 15.93 -23.36 15.90
N THR E 463 16.38 -22.30 15.33
CA THR E 463 17.24 -22.43 14.23
C THR E 463 18.52 -23.07 14.68
N LEU E 464 19.18 -22.67 15.77
CA LEU E 464 20.46 -23.13 16.14
C LEU E 464 20.39 -24.61 16.31
N ALA E 465 19.45 -25.06 17.08
CA ALA E 465 19.43 -26.48 17.39
C ALA E 465 19.25 -27.26 16.15
N ILE E 466 18.31 -26.88 15.24
CA ILE E 466 17.96 -27.76 14.13
C ILE E 466 19.17 -27.83 13.21
N PHE E 467 19.91 -26.73 13.00
CA PHE E 467 21.02 -26.73 12.12
C PHE E 467 22.29 -27.05 12.77
N LEU E 468 22.33 -27.40 14.01
CA LEU E 468 23.56 -27.99 14.56
C LEU E 468 23.40 -29.47 14.69
N THR E 469 22.16 -30.06 14.62
CA THR E 469 21.91 -31.46 14.57
C THR E 469 22.44 -31.98 13.30
N GLY E 470 22.20 -31.25 12.17
CA GLY E 470 22.66 -31.75 10.85
C GLY E 470 24.16 -31.73 10.79
N HIS E 471 24.81 -30.77 11.39
CA HIS E 471 26.27 -30.71 11.34
C HIS E 471 26.95 -31.78 12.12
N PHE E 472 26.28 -32.42 13.00
CA PHE E 472 26.87 -33.49 13.72
C PHE E 472 26.55 -34.80 13.12
#